data_3TNM
#
_entry.id   3TNM
#
_cell.length_a   40.780
_cell.length_b   71.316
_cell.length_c   77.673
_cell.angle_alpha   103.69
_cell.angle_beta   104.02
_cell.angle_gamma   105.40
#
_symmetry.space_group_name_H-M   'P 1'
#
loop_
_entity.id
_entity.type
_entity.pdbx_description
1 polymer 'Fab heavy chain of human anti-HIV-1 Env antibody A32'
2 polymer 'Fab light chain of human anti-HIV-1 Env antibody A32'
3 non-polymer 'ACETATE ION'
4 non-polymer 'CHLORIDE ION'
5 water water
#
loop_
_entity_poly.entity_id
_entity_poly.type
_entity_poly.pdbx_seq_one_letter_code
_entity_poly.pdbx_strand_id
1 'polypeptide(L)'
;QVQLQESGPGLVKPSQTLSLSCTVSGGSSSSGAHYWSWIRQYPGKGLEWIGYIHYSGNTYYNPSLKSRITISQHTSENQF
SLKLNSVTVADTAVYYCARGTRLRTLRNAFDIWGQGTMVTVSSASTKGPSVFPLAPSSKSTSGGTAALGCLVKDYFPEPV
TVSWNSGALTSGVHTFPAVLQSSGLYSLSSVVTVPSSSLGTQTYICNVNHKPSNTKVDKRVEPKSCDKTHT
;
H,A
2 'polypeptide(L)'
;QSVLTQPPSASGSPGQSVTISCTGTSSDVGGYNYVSWYQHHPGKAPKLIISEVNNRPSGVPDRFSGSKSGNTASLTVSGL
QAEDEAEYYCSSYTDIHNFVFGGGTKLTVLGQPKAAPSVTLFPPSSEELQANKATLVCLISDFYPGAVTVAWKADSSPVK
AGVETTTPSKQSNNKYAASSYLSLTPEQWKSHRSYSCQVTHEGSTVEKTVAPTECS
;
L,B
#
loop_
_chem_comp.id
_chem_comp.type
_chem_comp.name
_chem_comp.formula
ACT non-polymer 'ACETATE ION' 'C2 H3 O2 -1'
CL non-polymer 'CHLORIDE ION' 'Cl -1'
#
# COMPACT_ATOMS: atom_id res chain seq x y z
N GLN A 1 -24.41 -25.72 -25.01
CA GLN A 1 -25.70 -25.45 -24.34
C GLN A 1 -26.36 -24.21 -25.00
N VAL A 2 -27.37 -23.66 -24.32
CA VAL A 2 -28.05 -22.45 -24.78
C VAL A 2 -27.12 -21.25 -24.59
N GLN A 3 -27.10 -20.37 -25.58
CA GLN A 3 -26.31 -19.16 -25.51
C GLN A 3 -27.19 -17.97 -25.88
N LEU A 4 -26.92 -16.84 -25.23
CA LEU A 4 -27.67 -15.60 -25.48
C LEU A 4 -26.69 -14.62 -26.11
N GLN A 5 -27.12 -13.95 -27.14
CA GLN A 5 -26.26 -13.03 -27.86
C GLN A 5 -26.99 -11.69 -28.10
N GLU A 6 -26.43 -10.58 -27.57
CA GLU A 6 -27.01 -9.25 -27.73
C GLU A 6 -26.55 -8.54 -29.00
N SER A 7 -27.44 -7.72 -29.55
CA SER A 7 -27.16 -6.79 -30.63
C SER A 7 -27.65 -5.41 -30.17
N GLY A 8 -26.94 -4.37 -30.55
CA GLY A 8 -27.28 -2.98 -30.16
C GLY A 8 -26.67 -2.01 -31.17
N PRO A 9 -27.02 -0.72 -31.03
CA PRO A 9 -26.69 0.43 -31.87
C PRO A 9 -25.29 1.02 -31.65
N GLY A 10 -24.75 0.82 -30.46
CA GLY A 10 -23.44 1.33 -30.02
C GLY A 10 -23.55 2.74 -29.41
N LEU A 11 -24.19 3.63 -30.15
CA LEU A 11 -24.38 5.02 -29.74
C LEU A 11 -25.82 5.42 -30.05
N VAL A 12 -26.42 6.17 -29.13
CA VAL A 12 -27.74 6.76 -29.36
C VAL A 12 -27.75 8.20 -28.81
N LYS A 13 -28.54 9.06 -29.42
CA LYS A 13 -28.67 10.44 -28.98
C LYS A 13 -29.83 10.57 -27.97
N PRO A 14 -29.67 11.45 -27.02
CA PRO A 14 -30.65 11.75 -26.01
C PRO A 14 -31.98 12.08 -26.69
N SER A 15 -33.07 11.70 -26.04
CA SER A 15 -34.43 11.91 -26.56
C SER A 15 -34.83 10.83 -27.55
N GLN A 16 -33.87 10.07 -28.07
CA GLN A 16 -34.20 8.93 -28.96
C GLN A 16 -34.50 7.64 -28.21
N THR A 17 -34.96 6.66 -28.97
CA THR A 17 -35.26 5.33 -28.42
C THR A 17 -34.06 4.43 -28.56
N LEU A 18 -33.75 3.74 -27.48
CA LEU A 18 -32.75 2.68 -27.53
C LEU A 18 -33.40 1.31 -27.77
N SER A 19 -33.06 0.68 -28.87
CA SER A 19 -33.59 -0.66 -29.17
C SER A 19 -32.51 -1.74 -29.12
N LEU A 20 -32.64 -2.70 -28.18
CA LEU A 20 -31.67 -3.80 -28.08
C LEU A 20 -32.32 -5.16 -28.37
N SER A 21 -31.54 -6.09 -28.91
CA SER A 21 -32.06 -7.42 -29.23
C SER A 21 -31.21 -8.59 -28.71
N CYS A 22 -31.87 -9.62 -28.20
CA CYS A 22 -31.17 -10.76 -27.63
C CYS A 22 -31.62 -11.99 -28.41
N THR A 23 -30.68 -12.64 -29.11
CA THR A 23 -31.02 -13.86 -29.84
C THR A 23 -30.62 -15.04 -29.03
N VAL A 24 -31.54 -15.99 -28.92
CA VAL A 24 -31.31 -17.19 -28.14
C VAL A 24 -30.93 -18.32 -29.11
N SER A 25 -29.82 -19.00 -28.83
CA SER A 25 -29.28 -20.06 -29.72
C SER A 25 -28.94 -21.29 -28.95
N GLY A 26 -28.93 -22.43 -29.63
CA GLY A 26 -28.54 -23.70 -28.99
C GLY A 26 -29.65 -24.46 -28.26
N GLY A 27 -30.82 -24.54 -28.88
CA GLY A 27 -31.81 -25.55 -28.47
C GLY A 27 -33.04 -25.06 -27.74
N SER A 28 -32.85 -23.98 -26.94
CA SER A 28 -33.95 -23.20 -26.31
C SER A 28 -34.98 -24.06 -25.54
N SER A 29 -36.09 -24.37 -26.22
CA SER A 29 -37.24 -25.10 -25.65
C SER A 29 -38.03 -24.21 -24.68
N SER A 30 -39.08 -23.56 -25.24
CA SER A 30 -39.90 -22.61 -24.48
C SER A 30 -40.61 -23.23 -23.27
N SER A 31 -40.51 -22.56 -22.14
CA SER A 31 -40.91 -23.13 -20.87
C SER A 31 -41.33 -22.00 -19.95
N GLY A 32 -42.42 -22.21 -19.21
CA GLY A 32 -42.88 -21.27 -18.18
C GLY A 32 -41.95 -21.16 -16.98
N ALA A 33 -40.85 -21.95 -16.95
CA ALA A 33 -39.85 -21.85 -15.87
C ALA A 33 -38.73 -20.86 -16.25
N HIS A 34 -38.77 -20.35 -17.51
CA HIS A 34 -37.79 -19.37 -17.93
C HIS A 34 -38.36 -17.96 -18.13
N TYR A 35 -37.59 -16.96 -17.69
CA TYR A 35 -37.97 -15.56 -17.78
C TYR A 35 -36.88 -14.83 -18.51
N TRP A 36 -37.21 -14.16 -19.60
CA TRP A 36 -36.19 -13.51 -20.38
C TRP A 36 -36.00 -12.09 -19.87
N SER A 37 -34.80 -11.76 -19.39
CA SER A 37 -34.56 -10.52 -18.65
C SER A 37 -33.55 -9.60 -19.30
N TRP A 38 -33.64 -8.32 -18.95
CA TRP A 38 -32.60 -7.35 -19.22
C TRP A 38 -32.08 -6.77 -17.92
N ILE A 39 -30.76 -6.55 -17.89
CA ILE A 39 -30.04 -6.01 -16.73
C ILE A 39 -29.00 -5.08 -17.29
N ARG A 40 -28.82 -3.90 -16.69
CA ARG A 40 -27.72 -3.03 -17.14
C ARG A 40 -26.67 -2.73 -16.06
N GLN A 41 -25.48 -2.42 -16.54
CA GLN A 41 -24.37 -2.18 -15.59
C GLN A 41 -23.66 -0.89 -15.92
N TYR A 42 -23.59 -0.05 -14.92
CA TYR A 42 -23.18 1.34 -15.15
C TYR A 42 -21.66 1.47 -15.22
N PRO A 43 -21.18 2.55 -15.82
CA PRO A 43 -19.74 2.81 -15.85
C PRO A 43 -19.17 2.71 -14.44
N GLY A 44 -18.52 1.59 -14.14
CA GLY A 44 -17.94 1.37 -12.83
C GLY A 44 -18.98 1.37 -11.72
N LYS A 45 -20.26 1.37 -12.10
CA LYS A 45 -21.34 1.40 -11.12
C LYS A 45 -21.94 0.02 -10.89
N GLY A 46 -23.06 -0.02 -10.17
CA GLY A 46 -23.70 -1.27 -9.83
C GLY A 46 -24.61 -1.80 -10.93
N LEU A 47 -25.31 -2.88 -10.61
CA LEU A 47 -26.22 -3.54 -11.53
C LEU A 47 -27.66 -3.07 -11.33
N GLU A 48 -28.41 -2.94 -12.42
CA GLU A 48 -29.83 -2.69 -12.30
C GLU A 48 -30.62 -3.66 -13.16
N TRP A 49 -31.51 -4.38 -12.52
CA TRP A 49 -32.46 -5.24 -13.22
C TRP A 49 -33.52 -4.38 -13.88
N ILE A 50 -33.69 -4.53 -15.19
CA ILE A 50 -34.61 -3.68 -15.94
C ILE A 50 -36.07 -4.28 -16.04
N GLY A 51 -36.19 -5.57 -16.28
CA GLY A 51 -37.51 -6.20 -16.37
C GLY A 51 -37.40 -7.55 -17.04
N TYR A 52 -38.52 -8.26 -17.18
CA TYR A 52 -38.53 -9.47 -17.95
C TYR A 52 -39.82 -9.67 -18.75
N ILE A 53 -39.80 -10.70 -19.57
CA ILE A 53 -40.97 -11.16 -20.26
C ILE A 53 -40.97 -12.65 -20.06
N HIS A 54 -42.13 -13.23 -19.75
CA HIS A 54 -42.18 -14.63 -19.45
C HIS A 54 -43.34 -15.30 -20.14
N TYR A 55 -43.10 -16.54 -20.57
CA TYR A 55 -44.09 -17.42 -21.19
C TYR A 55 -44.93 -16.87 -22.32
N SER A 56 -46.20 -16.64 -22.04
CA SER A 56 -47.14 -16.34 -23.06
C SER A 56 -46.95 -14.88 -23.50
N GLY A 57 -46.00 -14.21 -22.87
CA GLY A 57 -45.65 -12.82 -23.25
C GLY A 57 -45.99 -11.79 -22.20
N ASN A 58 -46.37 -12.23 -20.99
CA ASN A 58 -46.56 -11.33 -19.85
C ASN A 58 -45.22 -10.68 -19.46
N THR A 59 -45.29 -9.41 -19.09
CA THR A 59 -44.05 -8.66 -18.77
C THR A 59 -44.07 -8.20 -17.30
N TYR A 60 -42.91 -7.88 -16.76
CA TYR A 60 -42.85 -7.22 -15.48
C TYR A 60 -41.63 -6.30 -15.53
N TYR A 61 -41.84 -5.03 -15.22
CA TYR A 61 -40.83 -4.02 -15.37
C TYR A 61 -40.44 -3.45 -14.00
N ASN A 62 -39.17 -3.10 -13.86
CA ASN A 62 -38.71 -2.37 -12.68
C ASN A 62 -39.49 -1.04 -12.54
N PRO A 63 -40.16 -0.83 -11.38
CA PRO A 63 -41.03 0.36 -11.22
C PRO A 63 -40.38 1.69 -11.61
N SER A 64 -39.09 1.86 -11.37
CA SER A 64 -38.45 3.14 -11.77
C SER A 64 -38.23 3.38 -13.27
N LEU A 65 -38.32 2.31 -14.06
CA LEU A 65 -38.16 2.43 -15.51
C LEU A 65 -39.45 2.14 -16.22
N LYS A 66 -40.45 1.69 -15.45
CA LYS A 66 -41.70 1.17 -16.06
C LYS A 66 -42.28 2.08 -17.13
N SER A 67 -42.16 3.39 -16.97
CA SER A 67 -42.86 4.32 -17.83
C SER A 67 -42.12 4.53 -19.15
N ARG A 68 -40.87 4.03 -19.25
CA ARG A 68 -40.02 4.23 -20.43
C ARG A 68 -39.74 2.94 -21.23
N ILE A 69 -40.20 1.79 -20.76
CA ILE A 69 -39.76 0.53 -21.40
C ILE A 69 -40.84 -0.34 -21.98
N THR A 70 -40.45 -1.10 -23.00
CA THR A 70 -41.29 -2.19 -23.53
C THR A 70 -40.35 -3.35 -23.77
N ILE A 71 -40.70 -4.55 -23.27
CA ILE A 71 -39.93 -5.75 -23.56
C ILE A 71 -40.84 -6.65 -24.38
N SER A 72 -40.35 -7.17 -25.51
CA SER A 72 -41.24 -7.95 -26.34
C SER A 72 -40.51 -9.17 -26.83
N GLN A 73 -41.21 -10.15 -27.37
CA GLN A 73 -40.53 -11.33 -27.94
C GLN A 73 -40.97 -11.64 -29.36
N HIS A 74 -40.02 -12.08 -30.17
CA HIS A 74 -40.27 -12.49 -31.54
C HIS A 74 -39.75 -13.91 -31.69
N THR A 75 -40.62 -14.87 -31.40
CA THR A 75 -40.18 -16.25 -31.25
C THR A 75 -39.77 -16.89 -32.57
N SER A 76 -40.26 -16.34 -33.66
CA SER A 76 -39.95 -16.88 -34.99
C SER A 76 -38.51 -16.55 -35.34
N GLU A 77 -38.00 -15.51 -34.69
CA GLU A 77 -36.59 -15.13 -34.79
C GLU A 77 -35.80 -15.59 -33.58
N ASN A 78 -36.43 -16.36 -32.70
CA ASN A 78 -35.78 -16.79 -31.46
C ASN A 78 -35.16 -15.59 -30.71
N GLN A 79 -35.86 -14.46 -30.67
CA GLN A 79 -35.28 -13.28 -30.02
C GLN A 79 -36.23 -12.63 -29.07
N PHE A 80 -35.69 -11.81 -28.17
CA PHE A 80 -36.53 -10.94 -27.39
C PHE A 80 -35.80 -9.61 -27.32
N SER A 81 -36.54 -8.56 -27.00
CA SER A 81 -36.01 -7.22 -27.21
C SER A 81 -36.40 -6.25 -26.13
N LEU A 82 -35.65 -5.16 -26.08
CA LEU A 82 -35.91 -4.07 -25.10
C LEU A 82 -35.96 -2.77 -25.89
N LYS A 83 -37.03 -2.00 -25.67
CA LYS A 83 -37.09 -0.62 -26.11
C LYS A 83 -37.07 0.29 -24.89
N LEU A 84 -36.11 1.17 -24.83
CA LEU A 84 -36.00 2.17 -23.75
C LEU A 84 -36.18 3.56 -24.33
N ASN A 85 -37.25 4.25 -23.92
CA ASN A 85 -37.60 5.56 -24.51
C ASN A 85 -36.84 6.75 -23.95
N SER A 86 -36.75 7.81 -24.76
CA SER A 86 -36.19 9.10 -24.31
C SER A 86 -34.97 8.93 -23.38
N VAL A 87 -33.88 8.40 -23.91
CA VAL A 87 -32.74 8.11 -23.09
C VAL A 87 -32.00 9.43 -22.78
N THR A 88 -31.27 9.45 -21.68
CA THR A 88 -30.38 10.58 -21.40
C THR A 88 -28.99 9.99 -21.19
N VAL A 89 -27.99 10.84 -20.94
CA VAL A 89 -26.64 10.34 -20.73
C VAL A 89 -26.58 9.37 -19.58
N ALA A 90 -27.45 9.53 -18.60
CA ALA A 90 -27.47 8.60 -17.47
C ALA A 90 -27.87 7.13 -17.87
N ASP A 91 -28.38 6.92 -19.08
CA ASP A 91 -28.65 5.56 -19.57
C ASP A 91 -27.46 4.83 -20.21
N THR A 92 -26.34 5.52 -20.40
CA THR A 92 -25.07 4.85 -20.75
C THR A 92 -24.69 3.64 -19.86
N ALA A 93 -24.52 2.46 -20.49
CA ALA A 93 -24.15 1.28 -19.71
C ALA A 93 -23.91 0.11 -20.60
N VAL A 94 -23.43 -0.98 -19.99
CA VAL A 94 -23.33 -2.25 -20.71
C VAL A 94 -24.69 -2.95 -20.44
N TYR A 95 -25.40 -3.31 -21.51
CA TYR A 95 -26.72 -3.93 -21.34
C TYR A 95 -26.59 -5.42 -21.57
N TYR A 96 -27.03 -6.22 -20.60
CA TYR A 96 -26.98 -7.69 -20.73
C TYR A 96 -28.39 -8.26 -20.87
N CYS A 97 -28.54 -9.34 -21.66
CA CYS A 97 -29.77 -10.15 -21.55
C CYS A 97 -29.45 -11.41 -20.75
N ALA A 98 -30.44 -11.95 -20.08
CA ALA A 98 -30.21 -13.06 -19.18
C ALA A 98 -31.43 -13.95 -19.11
N ARG A 99 -31.21 -15.25 -18.86
CA ARG A 99 -32.31 -16.15 -18.66
C ARG A 99 -32.46 -16.40 -17.16
N GLY A 100 -33.62 -16.05 -16.65
CA GLY A 100 -33.99 -16.38 -15.28
C GLY A 100 -34.69 -17.71 -15.30
N THR A 101 -34.60 -18.42 -14.19
CA THR A 101 -35.11 -19.76 -14.16
C THR A 101 -35.79 -20.05 -12.81
N ARG A 102 -36.89 -20.81 -12.86
CA ARG A 102 -37.65 -21.15 -11.63
C ARG A 102 -37.43 -22.59 -11.18
N LEU A 103 -36.59 -23.33 -11.91
CA LEU A 103 -36.39 -24.75 -11.57
C LEU A 103 -35.78 -24.95 -10.19
N ARG A 104 -36.06 -26.09 -9.56
CA ARG A 104 -35.51 -26.39 -8.23
C ARG A 104 -33.97 -26.28 -8.24
N THR A 105 -33.44 -25.72 -7.15
CA THR A 105 -31.99 -25.41 -6.96
C THR A 105 -31.50 -24.16 -7.71
N LEU A 106 -32.24 -23.72 -8.73
CA LEU A 106 -31.89 -22.56 -9.55
C LEU A 106 -32.86 -21.39 -9.34
N ARG A 107 -33.74 -21.48 -8.35
CA ARG A 107 -34.78 -20.49 -8.22
C ARG A 107 -34.27 -19.08 -8.07
N ASN A 108 -34.76 -18.21 -8.96
CA ASN A 108 -34.53 -16.78 -8.90
C ASN A 108 -33.06 -16.43 -9.19
N ALA A 109 -32.41 -17.33 -9.92
CA ALA A 109 -31.06 -17.06 -10.41
C ALA A 109 -31.11 -16.84 -11.93
N PHE A 110 -30.06 -16.22 -12.46
CA PHE A 110 -29.90 -16.02 -13.92
C PHE A 110 -28.84 -17.02 -14.36
N ASP A 111 -29.27 -18.09 -15.00
CA ASP A 111 -28.37 -19.20 -15.21
C ASP A 111 -27.70 -19.12 -16.56
N ILE A 112 -28.13 -18.18 -17.39
CA ILE A 112 -27.41 -17.91 -18.64
C ILE A 112 -27.41 -16.44 -18.93
N TRP A 113 -26.25 -15.89 -19.30
CA TRP A 113 -26.16 -14.46 -19.65
C TRP A 113 -25.60 -14.29 -21.06
N GLY A 114 -25.90 -13.16 -21.67
CA GLY A 114 -25.21 -12.73 -22.93
C GLY A 114 -23.91 -12.00 -22.52
N GLN A 115 -23.09 -11.61 -23.49
CA GLN A 115 -21.79 -10.97 -23.19
C GLN A 115 -21.95 -9.47 -22.86
N GLY A 116 -23.12 -8.91 -23.09
CA GLY A 116 -23.33 -7.48 -22.87
C GLY A 116 -23.03 -6.72 -24.16
N THR A 117 -23.73 -5.61 -24.34
CA THR A 117 -23.47 -4.73 -25.46
C THR A 117 -23.34 -3.34 -24.88
N MET A 118 -22.22 -2.66 -25.18
CA MET A 118 -22.00 -1.31 -24.62
C MET A 118 -22.88 -0.30 -25.30
N VAL A 119 -23.64 0.45 -24.53
CA VAL A 119 -24.42 1.56 -25.13
C VAL A 119 -23.99 2.92 -24.57
N THR A 120 -23.58 3.82 -25.47
CA THR A 120 -23.22 5.19 -25.05
C THR A 120 -24.31 6.15 -25.51
N VAL A 121 -24.71 7.06 -24.63
CA VAL A 121 -25.75 8.05 -24.96
C VAL A 121 -25.12 9.43 -24.98
N SER A 122 -25.12 10.09 -26.15
CA SER A 122 -24.54 11.40 -26.25
C SER A 122 -25.01 12.17 -27.47
N SER A 123 -25.17 13.51 -27.32
CA SER A 123 -25.65 14.35 -28.43
C SER A 123 -24.53 14.72 -29.40
N ALA A 124 -23.28 14.48 -29.01
CA ALA A 124 -22.13 14.91 -29.80
C ALA A 124 -21.88 14.03 -30.99
N SER A 125 -21.20 14.54 -32.01
CA SER A 125 -20.81 13.67 -33.13
C SER A 125 -19.30 13.69 -33.31
N THR A 126 -18.74 14.89 -33.51
CA THR A 126 -17.31 15.08 -33.45
C THR A 126 -17.05 16.42 -32.81
N LYS A 127 -16.26 16.43 -31.74
CA LYS A 127 -15.86 17.66 -31.09
C LYS A 127 -14.46 17.48 -30.55
N GLY A 128 -13.56 18.37 -30.95
CA GLY A 128 -12.18 18.29 -30.51
C GLY A 128 -12.03 18.79 -29.07
N PRO A 129 -10.92 18.40 -28.39
CA PRO A 129 -10.68 18.66 -26.95
C PRO A 129 -10.19 20.09 -26.68
N SER A 130 -10.46 20.57 -25.48
CA SER A 130 -9.73 21.72 -24.95
C SER A 130 -8.58 21.11 -24.15
N VAL A 131 -7.38 21.64 -24.31
CA VAL A 131 -6.21 21.08 -23.56
C VAL A 131 -5.68 22.03 -22.53
N PHE A 132 -5.66 21.61 -21.23
CA PHE A 132 -5.20 22.50 -20.18
C PHE A 132 -3.98 21.86 -19.48
N PRO A 133 -2.99 22.66 -19.09
CA PRO A 133 -1.79 22.11 -18.49
C PRO A 133 -2.06 21.71 -17.04
N LEU A 134 -1.36 20.66 -16.57
CA LEU A 134 -1.43 20.25 -15.15
C LEU A 134 -0.05 20.50 -14.61
N ALA A 135 0.13 21.65 -13.98
CA ALA A 135 1.48 22.14 -13.74
C ALA A 135 2.06 21.38 -12.56
N PRO A 136 3.38 21.10 -12.60
CA PRO A 136 4.02 20.36 -11.51
C PRO A 136 3.86 21.14 -10.21
N SER A 137 3.48 20.44 -9.14
CA SER A 137 3.27 21.11 -7.85
C SER A 137 3.79 20.27 -6.69
N THR A 141 9.45 15.36 -4.12
CA THR A 141 9.03 14.11 -3.47
C THR A 141 10.22 13.33 -2.93
N SER A 142 9.89 12.19 -2.31
CA SER A 142 10.84 11.23 -1.72
C SER A 142 11.83 10.67 -2.75
N GLY A 143 11.40 10.67 -4.01
CA GLY A 143 12.19 10.08 -5.09
C GLY A 143 12.82 11.14 -5.97
N GLY A 144 12.57 12.41 -5.65
CA GLY A 144 13.12 13.51 -6.39
C GLY A 144 12.37 13.84 -7.69
N THR A 145 11.15 13.36 -7.82
CA THR A 145 10.37 13.59 -9.05
C THR A 145 9.16 14.47 -8.84
N ALA A 146 8.71 15.06 -9.94
CA ALA A 146 7.52 15.84 -9.92
C ALA A 146 6.61 15.29 -11.05
N ALA A 147 5.31 15.32 -10.82
CA ALA A 147 4.36 14.89 -11.86
C ALA A 147 3.83 16.13 -12.57
N LEU A 148 3.84 16.09 -13.90
CA LEU A 148 3.24 17.18 -14.65
C LEU A 148 2.37 16.56 -15.73
N GLY A 149 1.31 17.22 -16.14
CA GLY A 149 0.37 16.56 -17.06
C GLY A 149 -0.39 17.50 -17.97
N CYS A 150 -1.30 16.91 -18.75
CA CYS A 150 -2.27 17.68 -19.54
C CYS A 150 -3.63 17.06 -19.36
N LEU A 151 -4.63 17.94 -19.20
CA LEU A 151 -6.00 17.54 -19.12
C LEU A 151 -6.59 17.76 -20.48
N VAL A 152 -7.18 16.69 -21.04
CA VAL A 152 -7.77 16.73 -22.38
C VAL A 152 -9.26 16.65 -22.17
N LYS A 153 -9.94 17.79 -22.29
CA LYS A 153 -11.32 17.92 -21.80
C LYS A 153 -12.35 18.13 -22.88
N ASP A 154 -13.51 17.49 -22.72
CA ASP A 154 -14.73 17.79 -23.50
C ASP A 154 -14.56 17.46 -24.96
N TYR A 155 -14.25 16.22 -25.26
CA TYR A 155 -14.14 15.80 -26.69
C TYR A 155 -15.10 14.63 -26.92
N PHE A 156 -15.34 14.32 -28.19
CA PHE A 156 -16.16 13.21 -28.59
C PHE A 156 -15.98 13.01 -30.09
N PRO A 157 -15.96 11.76 -30.56
CA PRO A 157 -15.97 10.54 -29.72
C PRO A 157 -14.56 10.16 -29.19
N GLU A 158 -14.45 9.02 -28.51
CA GLU A 158 -13.12 8.47 -28.29
C GLU A 158 -12.60 8.08 -29.67
N PRO A 159 -11.27 7.92 -29.83
CA PRO A 159 -10.29 8.05 -28.78
C PRO A 159 -9.46 9.30 -28.97
N VAL A 160 -8.64 9.59 -27.99
CA VAL A 160 -7.62 10.62 -28.09
C VAL A 160 -6.35 9.90 -27.80
N THR A 161 -5.29 10.24 -28.53
CA THR A 161 -3.91 9.80 -28.09
C THR A 161 -3.09 10.97 -27.61
N VAL A 162 -2.20 10.73 -26.64
CA VAL A 162 -1.28 11.77 -26.14
C VAL A 162 0.14 11.22 -26.10
N SER A 163 1.08 11.94 -26.70
CA SER A 163 2.50 11.69 -26.41
C SER A 163 3.13 12.91 -25.78
N TRP A 164 4.39 12.79 -25.38
CA TRP A 164 5.10 13.89 -24.84
C TRP A 164 6.34 14.13 -25.63
N ASN A 165 6.65 15.39 -25.84
CA ASN A 165 7.81 15.79 -26.62
C ASN A 165 7.87 14.98 -27.89
N SER A 166 6.72 14.91 -28.55
CA SER A 166 6.62 14.28 -29.88
C SER A 166 6.95 12.79 -29.81
N GLY A 167 6.79 12.21 -28.62
CA GLY A 167 7.00 10.80 -28.40
C GLY A 167 8.39 10.41 -27.94
N ALA A 168 9.24 11.42 -27.70
CA ALA A 168 10.59 11.18 -27.19
C ALA A 168 10.59 10.87 -25.70
N LEU A 169 9.58 11.37 -24.98
CA LEU A 169 9.48 11.08 -23.57
C LEU A 169 8.47 9.97 -23.35
N THR A 170 8.95 8.77 -23.01
CA THR A 170 8.01 7.67 -22.71
C THR A 170 8.09 7.20 -21.26
N SER A 171 9.17 7.60 -20.57
CA SER A 171 9.41 7.10 -19.22
C SER A 171 8.59 7.80 -18.16
N GLY A 172 7.79 7.03 -17.42
CA GLY A 172 6.97 7.60 -16.33
C GLY A 172 5.70 8.22 -16.88
N VAL A 173 5.48 8.04 -18.19
CA VAL A 173 4.28 8.50 -18.87
C VAL A 173 3.14 7.52 -18.70
N HIS A 174 2.03 8.05 -18.22
CA HIS A 174 0.77 7.31 -18.13
C HIS A 174 -0.35 8.17 -18.74
N THR A 175 -1.06 7.60 -19.70
CA THR A 175 -2.25 8.20 -20.25
C THR A 175 -3.43 7.41 -19.73
N PHE A 176 -4.31 8.09 -19.01
CA PHE A 176 -5.38 7.41 -18.26
C PHE A 176 -6.62 7.19 -19.10
N PRO A 177 -7.42 6.16 -18.75
CA PRO A 177 -8.70 5.96 -19.43
C PRO A 177 -9.63 7.21 -19.28
N ALA A 178 -10.50 7.46 -20.25
CA ALA A 178 -11.44 8.60 -20.18
C ALA A 178 -12.58 8.41 -19.23
N VAL A 179 -13.11 9.52 -18.73
CA VAL A 179 -14.41 9.54 -18.06
C VAL A 179 -15.40 10.14 -19.02
N LEU A 180 -16.64 9.69 -18.93
CA LEU A 180 -17.73 10.34 -19.65
C LEU A 180 -18.46 11.23 -18.68
N GLN A 181 -18.57 12.49 -19.06
CA GLN A 181 -19.27 13.51 -18.28
C GLN A 181 -20.79 13.52 -18.53
N SER A 182 -21.54 14.13 -17.62
CA SER A 182 -22.99 14.18 -17.73
C SER A 182 -23.36 14.96 -18.96
N SER A 183 -22.36 15.63 -19.52
CA SER A 183 -22.53 16.39 -20.76
C SER A 183 -22.51 15.51 -21.98
N GLY A 184 -22.15 14.24 -21.80
CA GLY A 184 -21.95 13.32 -22.91
C GLY A 184 -20.61 13.53 -23.64
N LEU A 185 -19.67 14.23 -22.99
CA LEU A 185 -18.38 14.46 -23.57
C LEU A 185 -17.34 13.81 -22.68
N TYR A 186 -16.29 13.30 -23.30
CA TYR A 186 -15.19 12.65 -22.58
C TYR A 186 -14.11 13.63 -22.08
N SER A 187 -13.40 13.23 -21.04
CA SER A 187 -12.16 13.88 -20.63
C SER A 187 -11.14 12.82 -20.21
N LEU A 188 -9.88 13.05 -20.52
CA LEU A 188 -8.80 12.20 -19.94
C LEU A 188 -7.62 13.03 -19.58
N SER A 189 -6.67 12.41 -18.87
CA SER A 189 -5.42 13.05 -18.53
C SER A 189 -4.22 12.24 -18.93
N SER A 190 -3.12 12.91 -19.16
CA SER A 190 -1.84 12.26 -19.35
C SER A 190 -0.88 12.87 -18.35
N VAL A 191 -0.04 12.04 -17.76
CA VAL A 191 0.92 12.54 -16.78
C VAL A 191 2.28 11.99 -17.17
N VAL A 192 3.31 12.75 -16.86
CA VAL A 192 4.67 12.21 -16.89
C VAL A 192 5.39 12.64 -15.62
N THR A 193 6.20 11.72 -15.11
CA THR A 193 6.99 11.93 -13.92
C THR A 193 8.41 12.26 -14.35
N VAL A 194 8.90 13.43 -13.97
CA VAL A 194 10.23 13.89 -14.35
C VAL A 194 11.04 14.41 -13.16
N PRO A 195 12.40 14.46 -13.30
CA PRO A 195 13.25 14.92 -12.19
C PRO A 195 12.86 16.31 -11.71
N SER A 196 12.71 16.46 -10.41
CA SER A 196 12.38 17.77 -9.85
C SER A 196 13.41 18.85 -10.19
N SER A 197 14.67 18.48 -10.33
CA SER A 197 15.73 19.48 -10.59
C SER A 197 15.73 20.08 -12.03
N SER A 198 15.05 19.41 -12.94
CA SER A 198 15.04 19.82 -14.35
C SER A 198 13.87 20.76 -14.72
N LEU A 199 13.07 21.17 -13.72
CA LEU A 199 11.84 21.92 -14.00
C LEU A 199 12.12 23.35 -14.46
N GLY A 200 13.34 23.81 -14.24
CA GLY A 200 13.76 25.12 -14.73
C GLY A 200 14.31 25.07 -16.15
N THR A 201 15.06 24.02 -16.46
CA THR A 201 15.82 23.92 -17.71
C THR A 201 15.10 23.13 -18.80
N GLN A 202 13.99 22.48 -18.47
CA GLN A 202 13.44 21.50 -19.42
C GLN A 202 12.07 21.87 -19.96
N THR A 203 11.86 21.62 -21.25
CA THR A 203 10.58 21.90 -21.87
C THR A 203 9.79 20.60 -22.02
N TYR A 204 8.52 20.65 -21.61
CA TYR A 204 7.66 19.49 -21.68
C TYR A 204 6.40 19.94 -22.41
N ILE A 205 6.07 19.21 -23.47
CA ILE A 205 4.96 19.55 -24.32
C ILE A 205 4.15 18.28 -24.48
N CYS A 206 2.85 18.35 -24.21
CA CYS A 206 2.00 17.22 -24.54
C CYS A 206 1.40 17.44 -25.91
N ASN A 207 1.43 16.38 -26.71
CA ASN A 207 0.87 16.36 -28.07
C ASN A 207 -0.38 15.53 -28.04
N VAL A 208 -1.52 16.20 -28.27
CA VAL A 208 -2.83 15.53 -28.18
C VAL A 208 -3.38 15.42 -29.57
N ASN A 209 -3.76 14.20 -29.96
CA ASN A 209 -4.34 14.01 -31.29
C ASN A 209 -5.73 13.42 -31.15
N HIS A 210 -6.73 14.08 -31.77
CA HIS A 210 -8.07 13.55 -31.77
C HIS A 210 -8.44 13.41 -33.22
N LYS A 211 -8.29 12.19 -33.78
CA LYS A 211 -8.50 12.04 -35.24
C LYS A 211 -9.95 12.23 -35.68
N PRO A 212 -10.92 11.78 -34.85
CA PRO A 212 -12.33 11.98 -35.28
C PRO A 212 -12.68 13.44 -35.62
N SER A 213 -12.17 14.41 -34.85
CA SER A 213 -12.40 15.83 -35.20
C SER A 213 -11.24 16.45 -36.02
N ASN A 214 -10.28 15.63 -36.45
CA ASN A 214 -9.09 16.14 -37.19
C ASN A 214 -8.39 17.29 -36.44
N THR A 215 -8.19 17.11 -35.15
CA THR A 215 -7.59 18.17 -34.34
C THR A 215 -6.30 17.65 -33.73
N LYS A 216 -5.25 18.46 -33.82
CA LYS A 216 -4.04 18.18 -33.01
C LYS A 216 -3.75 19.41 -32.18
N VAL A 217 -3.40 19.24 -30.91
CA VAL A 217 -3.07 20.35 -30.03
C VAL A 217 -1.71 20.07 -29.39
N ASP A 218 -0.85 21.08 -29.36
CA ASP A 218 0.42 20.99 -28.65
C ASP A 218 0.41 21.99 -27.50
N LYS A 219 0.62 21.49 -26.29
CA LYS A 219 0.52 22.35 -25.15
C LYS A 219 1.81 22.23 -24.32
N ARG A 220 2.53 23.32 -24.14
CA ARG A 220 3.69 23.34 -23.26
C ARG A 220 3.26 23.55 -21.79
N VAL A 221 3.80 22.71 -20.92
CA VAL A 221 3.42 22.63 -19.48
C VAL A 221 4.55 23.14 -18.59
N GLU A 222 4.32 24.28 -17.92
CA GLU A 222 5.35 24.94 -17.09
C GLU A 222 5.00 24.89 -15.61
N PRO A 223 6.02 25.05 -14.74
CA PRO A 223 5.82 25.29 -13.32
C PRO A 223 4.94 26.52 -13.08
N LYS A 224 4.15 26.55 -12.00
CA LYS A 224 3.25 27.71 -11.73
C LYS A 224 3.50 28.48 -10.44
N VAL B 3 -27.47 -1.22 -1.45
CA VAL B 3 -28.29 -2.38 -1.91
C VAL B 3 -27.76 -3.65 -1.21
N LEU B 4 -26.87 -4.38 -1.89
CA LEU B 4 -26.08 -5.45 -1.27
C LEU B 4 -24.64 -5.01 -1.18
N THR B 5 -24.03 -5.25 -0.03
CA THR B 5 -22.68 -4.80 0.25
C THR B 5 -21.62 -5.88 0.05
N GLN B 6 -20.77 -5.69 -0.97
CA GLN B 6 -19.58 -6.53 -1.15
C GLN B 6 -18.33 -5.67 -0.99
N PRO B 7 -17.19 -6.29 -0.57
CA PRO B 7 -15.90 -5.60 -0.62
C PRO B 7 -15.44 -5.42 -2.07
N PRO B 8 -14.82 -4.26 -2.39
CA PRO B 8 -14.46 -3.99 -3.77
C PRO B 8 -13.34 -4.88 -4.28
N SER B 9 -12.50 -5.36 -3.37
CA SER B 9 -11.35 -6.17 -3.74
C SER B 9 -11.15 -7.35 -2.77
N ALA B 10 -10.66 -8.45 -3.33
CA ALA B 10 -10.17 -9.60 -2.55
C ALA B 10 -9.03 -10.20 -3.37
N SER B 11 -8.11 -10.86 -2.70
CA SER B 11 -6.95 -11.42 -3.39
C SER B 11 -6.34 -12.59 -2.65
N GLY B 12 -5.68 -13.45 -3.39
CA GLY B 12 -4.89 -14.54 -2.78
C GLY B 12 -3.89 -15.05 -3.79
N SER B 13 -2.88 -15.76 -3.32
CA SER B 13 -1.88 -16.38 -4.18
C SER B 13 -2.42 -17.72 -4.67
N PRO B 14 -1.91 -18.21 -5.81
CA PRO B 14 -2.38 -19.51 -6.25
C PRO B 14 -2.38 -20.54 -5.15
N GLY B 15 -3.42 -21.36 -5.09
CA GLY B 15 -3.46 -22.45 -4.10
C GLY B 15 -4.06 -22.07 -2.78
N GLN B 16 -4.08 -20.77 -2.50
CA GLN B 16 -4.73 -20.30 -1.29
C GLN B 16 -6.27 -20.25 -1.45
N SER B 17 -6.97 -20.00 -0.34
CA SER B 17 -8.41 -19.86 -0.40
C SER B 17 -8.81 -18.46 0.06
N VAL B 18 -9.94 -17.97 -0.44
CA VAL B 18 -10.38 -16.60 -0.17
C VAL B 18 -11.89 -16.58 -0.02
N THR B 19 -12.38 -15.76 0.91
CA THR B 19 -13.83 -15.60 1.09
C THR B 19 -14.26 -14.20 0.74
N ILE B 20 -15.42 -14.09 0.10
CA ILE B 20 -16.01 -12.84 -0.31
C ILE B 20 -17.38 -12.76 0.32
N SER B 21 -17.60 -11.69 1.07
CA SER B 21 -18.87 -11.49 1.75
C SER B 21 -19.83 -10.64 0.90
N CYS B 22 -21.11 -10.86 1.14
CA CYS B 22 -22.19 -10.09 0.54
C CYS B 22 -23.21 -9.83 1.67
N THR B 23 -23.28 -8.58 2.15
CA THR B 23 -24.18 -8.21 3.26
C THR B 23 -25.45 -7.48 2.81
N GLY B 24 -26.61 -8.12 3.07
CA GLY B 24 -27.92 -7.52 2.78
C GLY B 24 -28.70 -7.24 4.06
N THR B 25 -30.03 -7.21 3.93
CA THR B 25 -30.93 -7.09 5.09
C THR B 25 -31.73 -8.38 5.23
N SER B 26 -32.65 -8.43 6.21
CA SER B 26 -33.46 -9.64 6.46
C SER B 26 -34.58 -9.81 5.41
N SER B 27 -34.83 -8.75 4.64
CA SER B 27 -35.72 -8.78 3.49
C SER B 27 -35.19 -9.72 2.38
N ASP B 28 -33.87 -9.70 2.16
CA ASP B 28 -33.26 -10.47 1.07
C ASP B 28 -32.41 -11.68 1.53
N VAL B 29 -31.15 -11.43 1.90
CA VAL B 29 -30.30 -12.45 2.50
C VAL B 29 -30.84 -12.68 3.91
N GLY B 30 -31.15 -13.92 4.26
CA GLY B 30 -31.87 -14.16 5.52
C GLY B 30 -33.37 -13.97 5.34
N GLY B 31 -33.75 -13.20 4.31
CA GLY B 31 -35.12 -13.16 3.81
C GLY B 31 -35.48 -14.55 3.33
N TYR B 32 -34.63 -15.10 2.45
CA TYR B 32 -34.63 -16.52 2.14
C TYR B 32 -33.33 -17.04 1.50
N ASN B 33 -33.42 -18.26 0.97
CA ASN B 33 -32.28 -18.96 0.41
C ASN B 33 -32.13 -18.70 -1.10
N TYR B 34 -32.43 -17.44 -1.53
CA TYR B 34 -32.35 -17.13 -2.98
C TYR B 34 -31.11 -16.36 -3.38
N VAL B 35 -30.08 -16.41 -2.55
CA VAL B 35 -28.79 -15.82 -2.90
C VAL B 35 -28.08 -16.55 -4.04
N SER B 36 -27.70 -15.81 -5.07
CA SER B 36 -26.82 -16.38 -6.08
C SER B 36 -25.52 -15.58 -6.34
N TRP B 37 -24.49 -16.25 -6.89
CA TRP B 37 -23.24 -15.64 -7.22
C TRP B 37 -22.91 -15.85 -8.69
N TYR B 38 -22.26 -14.83 -9.24
CA TYR B 38 -21.87 -14.72 -10.65
C TYR B 38 -20.41 -14.34 -10.83
N GLN B 39 -19.79 -14.95 -11.83
CA GLN B 39 -18.38 -14.69 -12.15
C GLN B 39 -18.37 -14.02 -13.48
N HIS B 40 -17.61 -12.95 -13.59
CA HIS B 40 -17.54 -12.23 -14.88
C HIS B 40 -16.12 -11.88 -15.25
N HIS B 41 -15.64 -12.46 -16.34
CA HIS B 41 -14.39 -12.08 -16.99
C HIS B 41 -14.69 -10.99 -18.02
N PRO B 42 -13.89 -9.91 -18.01
CA PRO B 42 -14.15 -8.80 -18.92
C PRO B 42 -14.41 -9.32 -20.32
N GLY B 43 -15.49 -8.80 -20.95
CA GLY B 43 -15.84 -9.10 -22.33
C GLY B 43 -16.54 -10.45 -22.58
N LYS B 44 -16.69 -11.27 -21.53
CA LYS B 44 -17.29 -12.60 -21.67
C LYS B 44 -18.60 -12.64 -20.92
N ALA B 45 -19.52 -13.54 -21.30
CA ALA B 45 -20.80 -13.61 -20.62
C ALA B 45 -20.54 -13.94 -19.16
N PRO B 46 -21.15 -13.20 -18.23
CA PRO B 46 -21.18 -13.69 -16.82
C PRO B 46 -21.64 -15.12 -16.71
N LYS B 47 -21.24 -15.80 -15.63
CA LYS B 47 -21.65 -17.19 -15.40
C LYS B 47 -22.17 -17.34 -14.03
N LEU B 48 -23.26 -18.11 -13.87
CA LEU B 48 -23.78 -18.44 -12.56
C LEU B 48 -22.82 -19.45 -11.90
N ILE B 49 -22.33 -19.13 -10.72
CA ILE B 49 -21.49 -20.11 -10.07
C ILE B 49 -22.12 -20.72 -8.82
N ILE B 50 -23.07 -20.01 -8.20
CA ILE B 50 -23.78 -20.57 -7.01
C ILE B 50 -25.23 -20.06 -7.05
N SER B 51 -26.19 -20.92 -6.73
CA SER B 51 -27.58 -20.49 -6.62
C SER B 51 -28.20 -21.07 -5.32
N GLU B 52 -29.33 -20.51 -4.92
CA GLU B 52 -30.00 -20.94 -3.67
C GLU B 52 -28.96 -21.14 -2.59
N VAL B 53 -28.07 -20.15 -2.55
CA VAL B 53 -27.13 -19.93 -1.44
C VAL B 53 -25.96 -20.89 -1.47
N ASN B 54 -26.25 -22.19 -1.61
CA ASN B 54 -25.21 -23.21 -1.55
C ASN B 54 -25.19 -24.27 -2.64
N ASN B 55 -25.92 -24.06 -3.74
CA ASN B 55 -25.97 -25.08 -4.75
C ASN B 55 -25.01 -24.72 -5.88
N ARG B 56 -24.07 -25.63 -6.15
CA ARG B 56 -23.12 -25.46 -7.25
C ARG B 56 -23.59 -26.19 -8.49
N PRO B 57 -23.89 -25.44 -9.56
CA PRO B 57 -24.34 -26.01 -10.81
C PRO B 57 -23.32 -26.99 -11.40
N SER B 58 -23.81 -28.02 -12.07
CA SER B 58 -22.94 -28.87 -12.87
C SER B 58 -22.21 -27.96 -13.88
N GLY B 59 -20.91 -28.16 -14.05
CA GLY B 59 -20.10 -27.34 -14.98
C GLY B 59 -19.22 -26.34 -14.24
N VAL B 60 -19.55 -26.03 -12.98
CA VAL B 60 -18.79 -25.08 -12.18
C VAL B 60 -17.74 -25.82 -11.34
N PRO B 61 -16.46 -25.38 -11.41
CA PRO B 61 -15.40 -26.00 -10.63
C PRO B 61 -15.75 -26.18 -9.14
N ASP B 62 -15.45 -27.37 -8.63
CA ASP B 62 -15.73 -27.74 -7.25
C ASP B 62 -15.05 -26.83 -6.20
N ARG B 63 -14.14 -25.95 -6.64
CA ARG B 63 -13.48 -25.04 -5.68
C ARG B 63 -14.36 -23.91 -5.15
N PHE B 64 -15.50 -23.67 -5.78
CA PHE B 64 -16.44 -22.65 -5.33
C PHE B 64 -17.47 -23.23 -4.39
N SER B 65 -17.64 -22.60 -3.24
CA SER B 65 -18.75 -22.96 -2.37
C SER B 65 -19.42 -21.72 -1.77
N GLY B 66 -20.74 -21.75 -1.61
CA GLY B 66 -21.45 -20.69 -0.93
C GLY B 66 -22.04 -21.07 0.41
N SER B 67 -22.31 -20.07 1.23
CA SER B 67 -23.00 -20.25 2.51
C SER B 67 -23.54 -18.90 2.96
N LYS B 68 -24.29 -18.87 4.06
CA LYS B 68 -24.75 -17.60 4.63
C LYS B 68 -24.90 -17.78 6.12
N SER B 69 -25.03 -16.67 6.85
CA SER B 69 -25.24 -16.75 8.29
C SER B 69 -26.30 -15.77 8.74
N GLY B 70 -26.05 -14.49 8.53
CA GLY B 70 -26.98 -13.51 9.08
C GLY B 70 -27.74 -12.91 7.94
N ASN B 71 -27.49 -11.60 7.76
CA ASN B 71 -27.89 -10.93 6.57
C ASN B 71 -26.73 -11.00 5.57
N THR B 72 -25.72 -11.81 5.93
CA THR B 72 -24.45 -11.96 5.21
C THR B 72 -24.23 -13.35 4.58
N ALA B 73 -23.99 -13.37 3.28
CA ALA B 73 -23.71 -14.58 2.50
C ALA B 73 -22.27 -14.51 2.03
N SER B 74 -21.69 -15.67 1.75
CA SER B 74 -20.29 -15.74 1.44
C SER B 74 -20.01 -16.74 0.35
N LEU B 75 -19.07 -16.34 -0.52
CA LEU B 75 -18.52 -17.18 -1.56
C LEU B 75 -17.08 -17.53 -1.18
N THR B 76 -16.77 -18.82 -1.04
CA THR B 76 -15.39 -19.28 -0.77
C THR B 76 -14.81 -19.89 -2.03
N VAL B 77 -13.60 -19.48 -2.41
CA VAL B 77 -12.89 -20.11 -3.50
C VAL B 77 -11.70 -20.81 -2.87
N SER B 78 -11.60 -22.12 -3.08
CA SER B 78 -10.62 -22.92 -2.34
C SER B 78 -9.19 -22.93 -2.87
N GLY B 79 -8.90 -23.69 -3.92
CA GLY B 79 -7.52 -23.64 -4.47
C GLY B 79 -7.61 -22.58 -5.56
N LEU B 80 -7.01 -21.39 -5.26
CA LEU B 80 -7.08 -20.33 -6.26
C LEU B 80 -6.22 -20.64 -7.45
N GLN B 81 -6.85 -20.59 -8.63
CA GLN B 81 -6.19 -20.80 -9.91
C GLN B 81 -6.28 -19.52 -10.72
N ALA B 82 -5.30 -19.27 -11.57
CA ALA B 82 -5.26 -18.05 -12.38
C ALA B 82 -6.62 -17.75 -13.02
N GLU B 83 -7.29 -18.78 -13.50
CA GLU B 83 -8.56 -18.60 -14.27
C GLU B 83 -9.65 -18.04 -13.35
N ASP B 84 -9.44 -18.14 -12.03
CA ASP B 84 -10.40 -17.65 -11.06
C ASP B 84 -10.38 -16.13 -10.93
N GLU B 85 -9.39 -15.47 -11.54
CA GLU B 85 -9.37 -14.02 -11.51
C GLU B 85 -10.53 -13.46 -12.34
N ALA B 86 -11.45 -12.74 -11.68
CA ALA B 86 -12.65 -12.20 -12.35
C ALA B 86 -13.35 -11.21 -11.40
N GLU B 87 -14.42 -10.55 -11.90
CA GLU B 87 -15.32 -9.77 -11.04
C GLU B 87 -16.49 -10.67 -10.53
N TYR B 88 -16.76 -10.69 -9.22
CA TYR B 88 -17.81 -11.53 -8.70
C TYR B 88 -18.95 -10.69 -8.11
N TYR B 89 -20.18 -11.09 -8.40
CA TYR B 89 -21.36 -10.37 -7.90
C TYR B 89 -22.25 -11.34 -7.16
N CYS B 90 -22.87 -10.85 -6.11
CA CYS B 90 -23.94 -11.61 -5.46
C CYS B 90 -25.28 -11.01 -5.89
N SER B 91 -26.32 -11.84 -5.87
CA SER B 91 -27.68 -11.37 -6.11
C SER B 91 -28.62 -12.03 -5.14
N SER B 92 -29.71 -11.34 -4.84
CA SER B 92 -30.79 -11.94 -4.07
C SER B 92 -32.15 -11.51 -4.61
N TYR B 93 -33.13 -12.39 -4.50
CA TYR B 93 -34.52 -12.00 -4.68
C TYR B 93 -34.97 -11.28 -3.41
N THR B 94 -35.90 -10.35 -3.56
CA THR B 94 -36.41 -9.60 -2.41
C THR B 94 -37.92 -9.87 -2.24
N ASP B 95 -38.40 -9.86 -0.97
CA ASP B 95 -39.84 -10.09 -0.73
C ASP B 95 -40.74 -8.96 -1.27
N ILE B 96 -40.11 -7.91 -1.78
CA ILE B 96 -40.79 -6.81 -2.47
C ILE B 96 -41.01 -7.11 -3.96
N HIS B 97 -40.70 -8.35 -4.37
CA HIS B 97 -40.87 -8.83 -5.75
C HIS B 97 -39.86 -8.22 -6.75
N ASN B 98 -38.57 -8.19 -6.35
CA ASN B 98 -37.48 -7.61 -7.18
C ASN B 98 -36.10 -8.29 -6.98
N PHE B 99 -35.16 -7.97 -7.87
CA PHE B 99 -33.79 -8.50 -7.75
C PHE B 99 -32.84 -7.40 -7.29
N VAL B 100 -32.08 -7.68 -6.22
CA VAL B 100 -31.02 -6.76 -5.79
C VAL B 100 -29.66 -7.41 -6.04
N PHE B 101 -28.66 -6.58 -6.34
CA PHE B 101 -27.30 -7.04 -6.62
C PHE B 101 -26.31 -6.34 -5.69
N GLY B 102 -25.17 -6.98 -5.48
CA GLY B 102 -24.03 -6.29 -4.88
C GLY B 102 -23.33 -5.44 -5.93
N GLY B 103 -22.35 -4.64 -5.49
CA GLY B 103 -21.65 -3.77 -6.41
C GLY B 103 -20.41 -4.42 -6.99
N GLY B 104 -20.18 -5.68 -6.64
CA GLY B 104 -19.07 -6.46 -7.19
C GLY B 104 -17.76 -6.44 -6.40
N THR B 105 -17.01 -7.52 -6.54
CA THR B 105 -15.70 -7.67 -5.89
C THR B 105 -14.73 -8.16 -6.92
N LYS B 106 -13.61 -7.43 -7.10
CA LYS B 106 -12.57 -7.92 -7.97
C LYS B 106 -11.73 -8.89 -7.20
N LEU B 107 -11.69 -10.15 -7.66
CA LEU B 107 -10.84 -11.16 -7.01
C LEU B 107 -9.59 -11.31 -7.86
N THR B 108 -8.47 -10.84 -7.32
CA THR B 108 -7.16 -10.99 -7.97
C THR B 108 -6.43 -12.22 -7.44
N VAL B 109 -5.89 -12.99 -8.38
CA VAL B 109 -5.01 -14.11 -8.02
C VAL B 109 -3.59 -13.59 -8.19
N LEU B 110 -2.94 -13.28 -7.06
CA LEU B 110 -1.67 -12.52 -7.13
C LEU B 110 -0.62 -13.17 -8.03
N GLY B 111 -0.12 -12.41 -9.00
CA GLY B 111 0.93 -12.90 -9.88
C GLY B 111 2.18 -12.02 -9.87
N GLN B 112 2.19 -11.04 -8.96
CA GLN B 112 3.33 -10.19 -8.72
C GLN B 112 3.13 -9.49 -7.39
N PRO B 113 4.16 -8.76 -6.93
CA PRO B 113 3.99 -8.07 -5.63
C PRO B 113 2.88 -7.02 -5.66
N LYS B 114 2.18 -6.90 -4.54
CA LYS B 114 1.26 -5.80 -4.39
C LYS B 114 2.04 -4.48 -4.58
N ALA B 115 1.39 -3.45 -5.10
CA ALA B 115 2.03 -2.16 -5.29
C ALA B 115 1.06 -1.06 -4.90
N ALA B 116 1.56 -0.12 -4.12
CA ALA B 116 0.73 0.98 -3.65
C ALA B 116 0.62 2.02 -4.75
N PRO B 117 -0.56 2.65 -4.88
CA PRO B 117 -0.75 3.67 -5.94
C PRO B 117 0.11 4.90 -5.69
N SER B 118 0.70 5.46 -6.75
CA SER B 118 1.24 6.81 -6.73
C SER B 118 0.07 7.74 -7.02
N VAL B 119 -0.19 8.68 -6.13
CA VAL B 119 -1.37 9.54 -6.22
C VAL B 119 -0.92 10.96 -6.43
N THR B 120 -1.48 11.60 -7.44
CA THR B 120 -1.20 13.01 -7.64
C THR B 120 -2.50 13.75 -7.85
N LEU B 121 -2.63 14.88 -7.19
CA LEU B 121 -3.79 15.72 -7.19
C LEU B 121 -3.46 17.07 -7.74
N PHE B 122 -4.06 17.42 -8.88
CA PHE B 122 -3.92 18.77 -9.49
C PHE B 122 -5.16 19.63 -9.29
N PRO B 123 -4.96 20.92 -8.90
CA PRO B 123 -6.09 21.84 -8.78
C PRO B 123 -6.36 22.33 -10.21
N PRO B 124 -7.43 23.11 -10.41
CA PRO B 124 -7.75 23.61 -11.76
C PRO B 124 -6.66 24.53 -12.22
N SER B 125 -6.40 24.58 -13.53
CA SER B 125 -5.40 25.49 -14.03
C SER B 125 -6.02 26.90 -14.14
N SER B 126 -5.18 27.93 -14.11
CA SER B 126 -5.73 29.27 -14.23
C SER B 126 -6.39 29.37 -15.60
N GLU B 127 -5.83 28.63 -16.56
CA GLU B 127 -6.36 28.71 -17.91
C GLU B 127 -7.78 28.12 -17.98
N GLU B 128 -7.98 26.97 -17.31
CA GLU B 128 -9.33 26.40 -17.25
C GLU B 128 -10.35 27.33 -16.56
N LEU B 129 -9.92 27.96 -15.47
CA LEU B 129 -10.76 28.92 -14.77
C LEU B 129 -11.22 30.06 -15.70
N GLN B 130 -10.35 30.46 -16.63
CA GLN B 130 -10.73 31.48 -17.60
C GLN B 130 -11.85 31.05 -18.56
N ALA B 131 -11.99 29.75 -18.75
CA ALA B 131 -13.01 29.14 -19.59
C ALA B 131 -14.28 28.84 -18.80
N ASN B 132 -14.38 29.44 -17.61
CA ASN B 132 -15.53 29.26 -16.73
C ASN B 132 -15.74 27.80 -16.31
N LYS B 133 -14.63 27.07 -16.19
CA LYS B 133 -14.72 25.68 -15.72
C LYS B 133 -13.70 25.45 -14.63
N ALA B 134 -13.95 24.48 -13.79
CA ALA B 134 -12.96 24.10 -12.82
C ALA B 134 -13.03 22.58 -12.73
N THR B 135 -11.86 21.95 -12.83
CA THR B 135 -11.77 20.50 -12.69
C THR B 135 -10.61 20.14 -11.76
N LEU B 136 -10.89 19.46 -10.66
CA LEU B 136 -9.82 18.85 -9.88
C LEU B 136 -9.47 17.49 -10.50
N VAL B 137 -8.20 17.16 -10.55
CA VAL B 137 -7.77 15.93 -11.28
C VAL B 137 -6.92 15.06 -10.36
N CYS B 138 -7.44 13.89 -9.98
CA CYS B 138 -6.70 12.93 -9.12
C CYS B 138 -6.28 11.71 -9.95
N LEU B 139 -4.96 11.56 -10.18
CA LEU B 139 -4.41 10.50 -10.99
C LEU B 139 -3.74 9.47 -10.10
N ILE B 140 -4.04 8.20 -10.37
CA ILE B 140 -3.67 7.10 -9.47
C ILE B 140 -2.98 6.02 -10.31
N SER B 141 -1.68 5.80 -10.12
CA SER B 141 -1.05 4.84 -11.05
C SER B 141 -0.16 3.84 -10.37
N ASP B 142 0.21 2.81 -11.13
CA ASP B 142 1.12 1.74 -10.70
C ASP B 142 0.64 1.02 -9.49
N PHE B 143 -0.66 0.73 -9.43
CA PHE B 143 -1.14 -0.07 -8.27
C PHE B 143 -1.51 -1.51 -8.70
N TYR B 144 -1.37 -2.45 -7.76
CA TYR B 144 -1.74 -3.80 -7.99
C TYR B 144 -2.09 -4.39 -6.58
N PRO B 145 -3.20 -5.12 -6.45
CA PRO B 145 -4.24 -5.47 -7.42
C PRO B 145 -4.95 -4.26 -7.97
N GLY B 146 -5.64 -4.48 -9.11
CA GLY B 146 -6.25 -3.42 -9.86
C GLY B 146 -7.61 -2.99 -9.36
N ALA B 147 -7.74 -2.76 -8.06
CA ALA B 147 -8.95 -2.14 -7.47
C ALA B 147 -8.63 -1.05 -6.44
N VAL B 148 -9.32 0.08 -6.55
CA VAL B 148 -9.16 1.22 -5.63
C VAL B 148 -10.51 1.86 -5.34
N THR B 149 -10.58 2.53 -4.19
CA THR B 149 -11.72 3.32 -3.80
C THR B 149 -11.29 4.78 -3.67
N VAL B 150 -12.02 5.68 -4.32
CA VAL B 150 -11.71 7.07 -4.18
C VAL B 150 -12.87 7.84 -3.49
N ALA B 151 -12.52 8.76 -2.59
CA ALA B 151 -13.45 9.62 -1.87
C ALA B 151 -12.95 11.05 -1.96
N TRP B 152 -13.86 11.98 -2.19
CA TRP B 152 -13.46 13.36 -2.30
C TRP B 152 -13.95 14.07 -1.06
N LYS B 153 -13.21 15.07 -0.64
CA LYS B 153 -13.54 15.82 0.56
C LYS B 153 -13.34 17.27 0.26
N ALA B 154 -14.33 18.10 0.61
CA ALA B 154 -14.13 19.56 0.67
C ALA B 154 -14.22 19.95 2.13
N ASP B 155 -13.17 20.59 2.64
CA ASP B 155 -13.10 20.88 4.07
C ASP B 155 -13.62 19.72 4.91
N SER B 156 -12.90 18.61 4.89
CA SER B 156 -13.24 17.38 5.65
C SER B 156 -14.61 16.71 5.39
N SER B 157 -15.51 17.42 4.70
CA SER B 157 -16.83 16.89 4.37
C SER B 157 -16.88 16.12 3.01
N PRO B 158 -17.57 14.97 3.00
CA PRO B 158 -17.70 14.09 1.83
C PRO B 158 -18.38 14.76 0.66
N VAL B 159 -17.74 14.71 -0.51
CA VAL B 159 -18.33 15.23 -1.74
C VAL B 159 -18.80 14.09 -2.66
N LYS B 160 -20.06 14.15 -3.09
CA LYS B 160 -20.60 13.17 -4.03
C LYS B 160 -20.81 13.76 -5.44
N ALA B 161 -21.51 14.89 -5.51
CA ALA B 161 -21.82 15.49 -6.81
C ALA B 161 -20.56 15.94 -7.57
N GLY B 162 -20.64 15.89 -8.89
CA GLY B 162 -19.51 16.28 -9.72
C GLY B 162 -18.36 15.26 -9.78
N VAL B 163 -18.51 14.14 -9.08
CA VAL B 163 -17.43 13.13 -9.01
C VAL B 163 -17.52 12.16 -10.19
N GLU B 164 -16.42 12.02 -10.95
CA GLU B 164 -16.38 11.14 -12.10
C GLU B 164 -15.15 10.26 -11.96
N THR B 165 -15.32 8.94 -11.81
CA THR B 165 -14.15 8.05 -11.48
C THR B 165 -14.07 6.95 -12.54
N THR B 166 -12.87 6.69 -13.06
CA THR B 166 -12.72 5.60 -14.06
C THR B 166 -12.59 4.24 -13.40
N THR B 167 -12.93 3.19 -14.15
CA THR B 167 -12.57 1.84 -13.79
C THR B 167 -11.04 1.68 -13.99
N PRO B 168 -10.37 0.91 -13.13
CA PRO B 168 -8.92 0.67 -13.33
C PRO B 168 -8.57 0.01 -14.67
N SER B 169 -7.53 0.50 -15.36
CA SER B 169 -7.06 -0.14 -16.60
C SER B 169 -5.61 -0.61 -16.53
N LYS B 170 -5.35 -1.81 -17.06
CA LYS B 170 -4.02 -2.42 -16.93
C LYS B 170 -2.98 -1.69 -17.76
N GLN B 171 -1.88 -1.31 -17.13
CA GLN B 171 -0.73 -0.70 -17.79
C GLN B 171 0.12 -1.79 -18.47
N SER B 172 1.14 -1.38 -19.22
CA SER B 172 1.96 -2.34 -19.95
C SER B 172 2.88 -3.15 -19.02
N ASN B 173 3.02 -2.67 -17.78
CA ASN B 173 3.79 -3.41 -16.76
C ASN B 173 2.90 -4.31 -15.88
N ASN B 174 1.63 -4.44 -16.28
CA ASN B 174 0.61 -5.26 -15.57
C ASN B 174 0.19 -4.71 -14.21
N LYS B 175 0.52 -3.45 -13.95
CA LYS B 175 -0.08 -2.77 -12.82
C LYS B 175 -1.23 -1.95 -13.40
N TYR B 176 -1.89 -1.15 -12.55
CA TYR B 176 -3.12 -0.51 -13.02
C TYR B 176 -3.09 0.99 -12.80
N ALA B 177 -3.91 1.69 -13.59
CA ALA B 177 -4.06 3.13 -13.46
C ALA B 177 -5.54 3.49 -13.41
N ALA B 178 -5.88 4.59 -12.73
CA ALA B 178 -7.24 5.07 -12.69
C ALA B 178 -7.15 6.58 -12.42
N SER B 179 -8.27 7.25 -12.61
CA SER B 179 -8.35 8.67 -12.35
C SER B 179 -9.70 8.98 -11.78
N SER B 180 -9.77 10.12 -11.10
CA SER B 180 -11.01 10.63 -10.60
C SER B 180 -10.99 12.10 -10.74
N TYR B 181 -12.11 12.66 -11.22
CA TYR B 181 -12.25 14.08 -11.43
C TYR B 181 -13.34 14.61 -10.51
N LEU B 182 -13.17 15.83 -10.04
CA LEU B 182 -14.23 16.54 -9.41
C LEU B 182 -14.50 17.81 -10.16
N SER B 183 -15.68 17.85 -10.79
CA SER B 183 -16.12 18.96 -11.62
C SER B 183 -16.79 20.02 -10.73
N LEU B 184 -16.20 21.22 -10.70
CA LEU B 184 -16.69 22.35 -9.92
C LEU B 184 -16.76 23.60 -10.78
N THR B 185 -17.43 24.64 -10.26
CA THR B 185 -17.34 25.99 -10.86
C THR B 185 -16.18 26.77 -10.22
N PRO B 186 -15.65 27.78 -10.93
CA PRO B 186 -14.61 28.59 -10.30
C PRO B 186 -15.00 29.12 -8.89
N GLU B 187 -16.27 29.49 -8.74
CA GLU B 187 -16.73 30.12 -7.52
C GLU B 187 -16.75 29.16 -6.35
N GLN B 188 -17.17 27.91 -6.59
CA GLN B 188 -17.09 26.91 -5.52
C GLN B 188 -15.65 26.48 -5.25
N TRP B 189 -14.80 26.55 -6.28
CA TRP B 189 -13.37 26.29 -6.12
C TRP B 189 -12.76 27.23 -5.09
N LYS B 190 -13.02 28.53 -5.23
CA LYS B 190 -12.47 29.52 -4.29
C LYS B 190 -13.28 29.56 -2.99
N SER B 191 -14.47 28.98 -3.02
CA SER B 191 -15.40 29.08 -1.88
C SER B 191 -15.12 28.06 -0.76
N HIS B 192 -14.08 27.26 -0.94
CA HIS B 192 -13.66 26.31 0.08
C HIS B 192 -12.20 26.49 0.43
N ARG B 193 -11.85 26.09 1.64
CA ARG B 193 -10.47 26.15 2.15
C ARG B 193 -9.54 25.14 1.48
N SER B 194 -9.99 23.91 1.32
CA SER B 194 -9.17 22.90 0.64
C SER B 194 -10.03 21.77 0.14
N TYR B 195 -9.47 20.98 -0.78
CA TYR B 195 -10.12 19.77 -1.24
C TYR B 195 -9.14 18.62 -1.15
N SER B 196 -9.64 17.41 -0.86
CA SER B 196 -8.80 16.22 -0.77
C SER B 196 -9.30 15.10 -1.64
N CYS B 197 -8.34 14.36 -2.22
CA CYS B 197 -8.60 13.12 -2.93
C CYS B 197 -8.05 12.03 -2.03
N GLN B 198 -8.90 11.11 -1.60
CA GLN B 198 -8.47 10.03 -0.67
C GLN B 198 -8.57 8.68 -1.39
N VAL B 199 -7.42 8.00 -1.54
CA VAL B 199 -7.33 6.73 -2.25
C VAL B 199 -7.09 5.57 -1.30
N THR B 200 -8.04 4.63 -1.33
CA THR B 200 -7.95 3.43 -0.52
C THR B 200 -7.59 2.27 -1.44
N HIS B 201 -6.51 1.58 -1.06
CA HIS B 201 -6.01 0.40 -1.75
C HIS B 201 -5.55 -0.57 -0.65
N GLU B 202 -5.96 -1.83 -0.78
CA GLU B 202 -5.57 -2.89 0.20
C GLU B 202 -5.75 -2.50 1.67
N GLY B 203 -6.87 -1.86 1.99
CA GLY B 203 -7.14 -1.37 3.35
C GLY B 203 -6.26 -0.25 3.87
N SER B 204 -5.49 0.36 2.98
CA SER B 204 -4.58 1.45 3.31
C SER B 204 -4.99 2.71 2.56
N THR B 205 -5.17 3.82 3.29
CA THR B 205 -5.69 5.06 2.68
C THR B 205 -4.62 6.13 2.57
N VAL B 206 -4.33 6.58 1.34
CA VAL B 206 -3.42 7.71 1.14
C VAL B 206 -4.21 8.92 0.63
N GLU B 207 -3.81 10.13 1.01
CA GLU B 207 -4.61 11.34 0.74
C GLU B 207 -3.80 12.53 0.25
N LYS B 208 -4.21 13.11 -0.87
CA LYS B 208 -3.61 14.37 -1.33
C LYS B 208 -4.61 15.51 -1.22
N THR B 209 -4.10 16.72 -1.07
CA THR B 209 -4.90 17.91 -0.75
C THR B 209 -4.39 19.13 -1.52
N VAL B 210 -5.31 19.96 -2.00
CA VAL B 210 -4.94 21.19 -2.67
C VAL B 210 -5.80 22.34 -2.09
N ALA B 211 -5.32 23.57 -2.25
CA ALA B 211 -6.05 24.77 -1.78
C ALA B 211 -5.92 25.94 -2.76
N PRO B 212 -7.01 26.66 -2.97
CA PRO B 212 -6.97 27.80 -3.89
C PRO B 212 -6.16 28.98 -3.32
N GLN C 1 37.81 21.47 18.51
CA GLN C 1 36.32 21.57 18.61
C GLN C 1 35.87 20.96 19.92
N VAL C 2 34.69 21.36 20.40
CA VAL C 2 34.13 20.73 21.61
C VAL C 2 33.49 19.40 21.20
N GLN C 3 33.70 18.40 22.06
CA GLN C 3 33.20 17.05 21.81
C GLN C 3 32.61 16.51 23.11
N LEU C 4 31.69 15.56 22.96
CA LEU C 4 30.98 14.96 24.08
C LEU C 4 31.30 13.47 24.13
N GLN C 5 31.64 12.98 25.34
CA GLN C 5 32.21 11.62 25.48
C GLN C 5 31.45 10.90 26.57
N GLU C 6 30.88 9.74 26.23
CA GLU C 6 30.00 9.02 27.14
C GLU C 6 30.68 7.79 27.73
N SER C 7 30.29 7.46 28.97
CA SER C 7 30.75 6.33 29.68
C SER C 7 29.50 5.64 30.23
N GLY C 8 29.53 4.31 30.23
CA GLY C 8 28.39 3.48 30.66
C GLY C 8 28.83 2.08 31.06
N PRO C 9 27.89 1.27 31.54
CA PRO C 9 28.08 -0.09 32.05
C PRO C 9 28.09 -1.19 30.97
N GLY C 10 27.53 -0.88 29.79
CA GLY C 10 27.41 -1.85 28.71
C GLY C 10 26.15 -2.71 28.86
N LEU C 11 26.00 -3.31 30.04
CA LEU C 11 24.93 -4.24 30.32
C LEU C 11 24.42 -3.96 31.74
N VAL C 12 23.10 -3.93 31.91
CA VAL C 12 22.51 -3.77 33.26
C VAL C 12 21.34 -4.73 33.37
N LYS C 13 21.05 -5.19 34.59
CA LYS C 13 20.01 -6.16 34.74
C LYS C 13 18.69 -5.43 35.05
N PRO C 14 17.57 -6.00 34.57
CA PRO C 14 16.25 -5.40 34.81
C PRO C 14 15.99 -5.23 36.32
N SER C 15 15.31 -4.16 36.67
CA SER C 15 15.07 -3.73 38.06
C SER C 15 16.23 -2.90 38.63
N GLN C 16 17.35 -2.83 37.92
CA GLN C 16 18.48 -2.07 38.43
C GLN C 16 18.50 -0.67 37.84
N THR C 17 19.38 0.17 38.35
CA THR C 17 19.49 1.52 37.87
C THR C 17 20.60 1.61 36.82
N LEU C 18 20.30 2.22 35.68
CA LEU C 18 21.29 2.55 34.70
C LEU C 18 21.90 3.93 34.97
N SER C 19 23.24 4.01 35.02
CA SER C 19 23.96 5.27 35.24
C SER C 19 24.88 5.52 34.10
N LEU C 20 24.69 6.66 33.45
CA LEU C 20 25.54 7.05 32.34
C LEU C 20 26.13 8.39 32.67
N SER C 21 27.31 8.66 32.15
CA SER C 21 27.93 10.01 32.34
C SER C 21 28.49 10.49 31.01
N CYS C 22 28.48 11.80 30.87
CA CYS C 22 28.97 12.47 29.68
C CYS C 22 30.01 13.46 30.18
N THR C 23 31.17 13.47 29.52
CA THR C 23 32.19 14.49 29.80
C THR C 23 32.33 15.37 28.58
N VAL C 24 32.38 16.68 28.81
CA VAL C 24 32.48 17.64 27.76
C VAL C 24 33.92 18.14 27.65
N SER C 25 34.45 18.13 26.43
CA SER C 25 35.73 18.79 26.12
C SER C 25 35.58 19.82 25.01
N GLY C 32 27.35 31.01 24.51
CA GLY C 32 25.95 31.11 24.92
C GLY C 32 25.60 30.20 26.06
N ALA C 33 24.31 30.16 26.42
CA ALA C 33 23.82 29.30 27.48
C ALA C 33 23.49 27.92 26.92
N HIS C 34 24.01 26.88 27.56
CA HIS C 34 23.84 25.53 27.06
C HIS C 34 22.86 24.70 27.87
N TYR C 35 22.22 23.75 27.20
CA TYR C 35 21.36 22.80 27.86
C TYR C 35 22.03 21.45 27.53
N TRP C 36 22.15 20.59 28.52
CA TRP C 36 22.80 19.30 28.33
C TRP C 36 21.76 18.20 28.35
N SER C 37 21.60 17.51 27.22
CA SER C 37 20.51 16.53 27.05
C SER C 37 21.02 15.10 26.94
N TRP C 38 20.13 14.16 27.23
CA TRP C 38 20.28 12.75 26.88
C TRP C 38 19.15 12.43 25.93
N ILE C 39 19.47 11.56 24.96
CA ILE C 39 18.56 11.15 23.91
C ILE C 39 18.86 9.68 23.67
N ARG C 40 17.85 8.86 23.33
CA ARG C 40 18.20 7.48 23.05
C ARG C 40 17.63 7.04 21.69
N GLN C 41 18.27 6.01 21.15
CA GLN C 41 17.88 5.46 19.82
C GLN C 41 17.73 3.96 19.94
N TYR C 42 16.54 3.47 19.66
CA TYR C 42 16.27 2.04 19.73
C TYR C 42 16.72 1.33 18.47
N PRO C 43 16.93 0.02 18.58
CA PRO C 43 17.31 -0.79 17.42
C PRO C 43 16.30 -0.60 16.29
N GLY C 44 16.70 0.11 15.24
CA GLY C 44 15.82 0.35 14.12
C GLY C 44 14.71 1.34 14.41
N LYS C 45 14.41 1.53 15.68
CA LYS C 45 13.37 2.47 16.09
C LYS C 45 13.88 3.91 16.06
N GLY C 46 13.01 4.86 16.37
CA GLY C 46 13.38 6.26 16.25
C GLY C 46 14.24 6.77 17.39
N LEU C 47 14.17 8.07 17.60
CA LEU C 47 14.93 8.73 18.63
C LEU C 47 13.93 9.18 19.67
N GLU C 48 14.34 9.15 20.92
CA GLU C 48 13.50 9.66 21.95
C GLU C 48 14.33 10.60 22.86
N TRP C 49 13.86 11.82 23.07
CA TRP C 49 14.52 12.74 23.97
C TRP C 49 14.15 12.36 25.41
N ILE C 50 15.14 12.32 26.27
CA ILE C 50 14.96 11.84 27.65
C ILE C 50 14.78 13.06 28.58
N GLY C 51 15.68 14.02 28.47
CA GLY C 51 15.54 15.28 29.27
C GLY C 51 16.79 16.11 29.17
N TYR C 52 16.80 17.28 29.83
CA TYR C 52 18.00 18.10 29.90
C TYR C 52 18.20 18.74 31.25
N ILE C 53 19.42 19.22 31.48
CA ILE C 53 19.76 20.04 32.62
C ILE C 53 20.42 21.34 32.17
N HIS C 54 19.99 22.47 32.75
CA HIS C 54 20.70 23.76 32.68
C HIS C 54 21.82 23.90 33.68
N TYR C 55 22.80 24.76 33.31
CA TYR C 55 23.89 25.18 34.21
C TYR C 55 23.43 25.54 35.62
N SER C 56 22.29 26.24 35.74
CA SER C 56 21.74 26.54 37.06
C SER C 56 21.44 25.27 37.88
N GLY C 57 21.17 24.16 37.19
CA GLY C 57 20.71 22.92 37.85
C GLY C 57 19.26 22.57 37.58
N ASN C 58 18.51 23.49 36.99
CA ASN C 58 17.14 23.25 36.63
C ASN C 58 17.11 22.14 35.56
N THR C 59 16.11 21.29 35.67
CA THR C 59 15.95 20.13 34.74
C THR C 59 14.57 20.16 34.08
N TYR C 60 14.46 19.44 32.96
CA TYR C 60 13.17 19.21 32.33
C TYR C 60 13.24 17.85 31.69
N TYR C 61 12.23 17.03 31.96
CA TYR C 61 12.25 15.64 31.60
C TYR C 61 11.11 15.36 30.65
N ASN C 62 11.32 14.38 29.78
CA ASN C 62 10.27 13.88 28.90
C ASN C 62 9.13 13.37 29.79
N PRO C 63 7.90 13.85 29.56
CA PRO C 63 6.79 13.45 30.43
C PRO C 63 6.61 11.94 30.54
N SER C 64 7.03 11.20 29.51
CA SER C 64 6.82 9.75 29.50
C SER C 64 7.85 9.01 30.39
N LEU C 65 8.99 9.67 30.66
CA LEU C 65 10.07 9.09 31.47
C LEU C 65 10.28 9.79 32.83
N LYS C 66 9.55 10.89 33.05
CA LYS C 66 9.80 11.77 34.15
C LYS C 66 9.89 11.02 35.48
N SER C 67 9.05 10.00 35.66
CA SER C 67 8.95 9.32 36.93
C SER C 67 10.12 8.40 37.22
N ARG C 68 10.93 8.13 36.19
CA ARG C 68 12.05 7.19 36.36
C ARG C 68 13.45 7.85 36.25
N ILE C 69 13.52 9.14 35.97
CA ILE C 69 14.83 9.73 35.68
C ILE C 69 15.33 10.83 36.59
N THR C 70 16.64 10.92 36.71
CA THR C 70 17.30 12.06 37.34
C THR C 70 18.49 12.43 36.46
N ILE C 71 18.61 13.72 36.16
CA ILE C 71 19.76 14.19 35.47
C ILE C 71 20.51 15.13 36.43
N SER C 72 21.82 14.95 36.51
CA SER C 72 22.59 15.76 37.47
C SER C 72 23.83 16.26 36.79
N GLN C 73 24.57 17.20 37.41
CA GLN C 73 25.81 17.64 36.79
C GLN C 73 26.89 17.84 37.80
N HIS C 74 28.14 17.63 37.36
CA HIS C 74 29.33 18.05 38.11
C HIS C 74 30.21 18.91 37.24
N THR C 75 30.00 20.24 37.29
CA THR C 75 30.57 21.11 36.26
C THR C 75 32.07 21.30 36.46
N SER C 76 32.52 21.04 37.68
CA SER C 76 33.99 21.17 37.92
C SER C 76 34.73 20.09 37.15
N GLU C 77 34.03 18.97 36.89
CA GLU C 77 34.55 17.87 36.09
C GLU C 77 34.15 18.04 34.62
N ASN C 78 33.44 19.10 34.29
CA ASN C 78 32.78 19.18 32.98
C ASN C 78 31.91 17.93 32.67
N GLN C 79 31.24 17.35 33.68
CA GLN C 79 30.42 16.14 33.43
C GLN C 79 28.94 16.41 33.76
N PHE C 80 28.07 15.59 33.16
CA PHE C 80 26.68 15.51 33.56
C PHE C 80 26.20 14.10 33.35
N SER C 81 25.18 13.71 34.08
CA SER C 81 24.90 12.29 34.18
C SER C 81 23.40 12.03 34.11
N LEU C 82 23.08 10.77 33.82
CA LEU C 82 21.71 10.29 33.76
C LEU C 82 21.61 9.10 34.68
N LYS C 83 20.55 9.08 35.46
CA LYS C 83 20.17 7.90 36.19
C LYS C 83 18.76 7.52 35.74
N LEU C 84 18.61 6.29 35.21
CA LEU C 84 17.32 5.81 34.75
C LEU C 84 16.94 4.63 35.62
N ASN C 85 15.85 4.76 36.38
CA ASN C 85 15.53 3.72 37.37
C ASN C 85 14.81 2.52 36.83
N SER C 86 14.94 1.42 37.56
CA SER C 86 14.16 0.19 37.34
C SER C 86 14.02 -0.15 35.85
N VAL C 87 15.13 -0.39 35.20
CA VAL C 87 15.11 -0.57 33.75
C VAL C 87 14.49 -1.94 33.36
N THR C 88 13.97 -2.05 32.17
CA THR C 88 13.56 -3.34 31.64
C THR C 88 14.24 -3.52 30.30
N VAL C 89 14.03 -4.69 29.69
CA VAL C 89 14.65 -5.00 28.41
C VAL C 89 14.33 -3.94 27.37
N ALA C 90 13.13 -3.34 27.48
CA ALA C 90 12.70 -2.27 26.56
C ALA C 90 13.56 -1.00 26.67
N ASP C 91 14.37 -0.89 27.71
CA ASP C 91 15.30 0.26 27.80
C ASP C 91 16.63 0.06 27.04
N THR C 92 16.78 -1.07 26.35
CA THR C 92 17.95 -1.35 25.56
C THR C 92 17.98 -0.36 24.40
N ALA C 93 19.08 0.34 24.24
CA ALA C 93 19.21 1.36 23.18
C ALA C 93 20.60 1.97 23.18
N VAL C 94 20.91 2.80 22.17
CA VAL C 94 22.12 3.58 22.14
C VAL C 94 21.76 4.93 22.80
N TYR C 95 22.52 5.31 23.82
CA TYR C 95 22.24 6.55 24.53
C TYR C 95 23.26 7.59 24.14
N TYR C 96 22.75 8.75 23.68
CA TYR C 96 23.56 9.87 23.25
C TYR C 96 23.44 10.97 24.27
N CYS C 97 24.54 11.61 24.62
CA CYS C 97 24.44 12.97 25.20
C CYS C 97 24.48 14.02 24.08
N ALA C 98 23.95 15.20 24.35
CA ALA C 98 23.91 16.25 23.35
C ALA C 98 23.95 17.61 24.03
N ARG C 99 24.41 18.58 23.30
CA ARG C 99 24.35 19.96 23.78
C ARG C 99 23.32 20.72 22.97
N GLY C 100 22.51 21.51 23.68
CA GLY C 100 21.73 22.59 23.06
C GLY C 100 22.34 23.95 23.41
N THR C 101 22.10 24.94 22.54
CA THR C 101 22.73 26.24 22.71
C THR C 101 21.66 27.33 22.54
N ARG C 102 21.50 28.18 23.55
CA ARG C 102 20.39 29.14 23.53
C ARG C 102 20.86 30.41 22.82
N LEU C 103 20.71 30.36 21.48
CA LEU C 103 21.16 31.46 20.65
C LEU C 103 20.19 31.57 19.50
N ARG C 104 20.15 32.74 18.90
CA ARG C 104 19.35 32.97 17.70
C ARG C 104 19.80 32.01 16.59
N THR C 105 18.84 31.45 15.85
CA THR C 105 19.06 30.40 14.83
C THR C 105 19.26 28.99 15.40
N LEU C 106 19.88 28.86 16.56
CA LEU C 106 20.11 27.54 17.12
C LEU C 106 19.09 27.12 18.18
N ARG C 107 18.12 27.98 18.43
CA ARG C 107 17.27 27.76 19.60
C ARG C 107 16.48 26.44 19.47
N ASN C 108 16.45 25.66 20.56
CA ASN C 108 15.67 24.42 20.64
C ASN C 108 16.19 23.33 19.67
N ALA C 109 17.50 23.32 19.47
CA ALA C 109 18.12 22.31 18.61
C ALA C 109 19.26 21.63 19.38
N PHE C 110 19.80 20.54 18.84
CA PHE C 110 20.90 19.88 19.51
C PHE C 110 22.13 20.05 18.64
N ASP C 111 23.00 21.01 19.01
CA ASP C 111 24.05 21.45 18.11
C ASP C 111 25.32 20.63 18.14
N ILE C 112 25.54 19.87 19.22
CA ILE C 112 26.60 18.89 19.23
C ILE C 112 26.12 17.61 19.91
N TRP C 113 26.49 16.46 19.33
CA TRP C 113 26.16 15.15 19.91
C TRP C 113 27.39 14.31 20.24
N GLY C 114 27.24 13.46 21.25
CA GLY C 114 28.22 12.39 21.47
C GLY C 114 28.10 11.30 20.41
N GLN C 115 29.02 10.37 20.43
CA GLN C 115 29.00 9.19 19.51
C GLN C 115 28.01 8.13 19.98
N GLY C 116 27.62 8.17 21.24
CA GLY C 116 26.62 7.23 21.76
C GLY C 116 27.26 6.04 22.47
N THR C 117 26.58 5.54 23.49
CA THR C 117 27.03 4.31 24.13
C THR C 117 25.88 3.32 24.08
N MET C 118 26.17 2.06 23.72
CA MET C 118 25.09 1.09 23.64
C MET C 118 24.84 0.54 25.01
N VAL C 119 23.57 0.40 25.37
CA VAL C 119 23.23 -0.23 26.67
C VAL C 119 22.29 -1.37 26.42
N THR C 120 22.56 -2.53 27.03
CA THR C 120 21.74 -3.66 26.83
C THR C 120 21.18 -3.97 28.24
N VAL C 121 19.88 -4.24 28.30
CA VAL C 121 19.27 -4.61 29.58
C VAL C 121 18.77 -6.08 29.47
N SER C 122 19.29 -6.95 30.32
CA SER C 122 18.87 -8.35 30.30
C SER C 122 19.19 -8.98 31.66
N SER C 123 18.36 -9.92 32.08
CA SER C 123 18.60 -10.52 33.41
C SER C 123 19.52 -11.71 33.18
N ALA C 124 19.83 -12.01 31.93
CA ALA C 124 20.49 -13.28 31.59
C ALA C 124 21.98 -13.31 31.96
N SER C 125 22.41 -14.48 32.43
CA SER C 125 23.83 -14.81 32.35
C SER C 125 24.04 -15.76 31.14
N THR C 126 25.25 -16.29 31.01
CA THR C 126 25.66 -17.04 29.87
C THR C 126 24.75 -18.25 29.62
N LYS C 127 24.22 -18.33 28.40
CA LYS C 127 23.29 -19.42 28.05
C LYS C 127 23.54 -19.82 26.59
N GLY C 128 23.73 -21.12 26.32
CA GLY C 128 24.03 -21.59 24.97
C GLY C 128 22.73 -21.64 24.13
N PRO C 129 22.84 -21.54 22.81
CA PRO C 129 21.66 -21.51 21.95
C PRO C 129 21.03 -22.88 21.73
N SER C 130 19.75 -22.91 21.34
CA SER C 130 19.10 -24.06 20.78
C SER C 130 19.16 -23.84 19.29
N VAL C 131 19.46 -24.86 18.52
CA VAL C 131 19.58 -24.66 17.01
C VAL C 131 18.49 -25.45 16.35
N PHE C 132 17.66 -24.77 15.59
CA PHE C 132 16.55 -25.49 14.93
C PHE C 132 16.71 -25.34 13.43
N PRO C 133 16.40 -26.41 12.66
CA PRO C 133 16.53 -26.35 11.22
C PRO C 133 15.40 -25.55 10.61
N LEU C 134 15.68 -24.85 9.50
CA LEU C 134 14.63 -24.21 8.75
C LEU C 134 14.63 -24.94 7.42
N ALA C 135 13.70 -25.91 7.28
CA ALA C 135 13.78 -26.89 6.19
C ALA C 135 13.30 -26.30 4.86
N PRO C 136 13.99 -26.64 3.76
CA PRO C 136 13.52 -26.14 2.45
C PRO C 136 12.23 -26.91 2.08
N SER C 137 11.39 -26.31 1.26
CA SER C 137 10.22 -27.07 0.75
C SER C 137 9.76 -26.40 -0.52
N SER C 138 8.64 -26.86 -1.07
CA SER C 138 8.03 -26.24 -2.24
C SER C 138 7.79 -24.76 -1.98
N LYS C 139 7.52 -24.40 -0.71
CA LYS C 139 7.31 -22.99 -0.31
C LYS C 139 8.62 -22.13 -0.33
N SER C 140 9.78 -22.74 -0.07
CA SER C 140 11.05 -21.99 -0.17
C SER C 140 11.78 -22.22 -1.47
N THR C 141 11.14 -22.92 -2.42
CA THR C 141 11.74 -23.19 -3.73
C THR C 141 11.12 -22.34 -4.83
N SER C 142 11.98 -21.83 -5.70
CA SER C 142 11.55 -21.01 -6.84
C SER C 142 12.61 -21.05 -7.92
N GLY C 143 12.16 -21.13 -9.17
CA GLY C 143 13.06 -21.07 -10.32
C GLY C 143 14.32 -21.93 -10.24
N GLY C 144 14.18 -23.17 -9.74
CA GLY C 144 15.27 -24.13 -9.66
C GLY C 144 16.23 -23.92 -8.48
N THR C 145 15.82 -23.08 -7.52
CA THR C 145 16.61 -22.85 -6.30
C THR C 145 15.74 -22.92 -5.06
N ALA C 146 16.32 -23.40 -3.95
CA ALA C 146 15.61 -23.56 -2.69
C ALA C 146 16.41 -22.90 -1.57
N ALA C 147 15.71 -22.33 -0.60
CA ALA C 147 16.33 -21.68 0.53
C ALA C 147 16.16 -22.60 1.73
N LEU C 148 17.22 -22.74 2.52
CA LEU C 148 17.15 -23.46 3.83
C LEU C 148 18.04 -22.74 4.84
N GLY C 149 17.87 -22.99 6.13
CA GLY C 149 18.61 -22.19 7.08
C GLY C 149 18.63 -22.84 8.45
N CYS C 150 19.18 -22.11 9.41
CA CYS C 150 19.17 -22.55 10.82
C CYS C 150 18.77 -21.34 11.65
N LEU C 151 17.93 -21.62 12.67
CA LEU C 151 17.52 -20.63 13.64
C LEU C 151 18.29 -20.90 14.92
N VAL C 152 19.05 -19.91 15.36
CA VAL C 152 19.84 -19.99 16.55
C VAL C 152 19.15 -19.22 17.60
N LYS C 153 18.56 -19.93 18.55
CA LYS C 153 17.58 -19.23 19.42
C LYS C 153 17.87 -19.28 20.88
N ASP C 154 17.56 -18.15 21.56
CA ASP C 154 17.60 -18.01 23.02
C ASP C 154 19.03 -18.20 23.56
N TYR C 155 19.96 -17.35 23.15
CA TYR C 155 21.34 -17.45 23.69
C TYR C 155 21.72 -16.12 24.30
N PHE C 156 22.71 -16.14 25.18
CA PHE C 156 23.20 -14.92 25.78
C PHE C 156 24.66 -15.18 26.25
N PRO C 157 25.55 -14.18 26.17
CA PRO C 157 25.42 -12.86 25.50
C PRO C 157 25.74 -13.04 24.05
N GLU C 158 25.81 -11.96 23.29
CA GLU C 158 26.35 -12.10 21.93
C GLU C 158 27.86 -12.41 22.07
N PRO C 159 28.51 -12.89 20.98
CA PRO C 159 28.00 -13.19 19.64
C PRO C 159 27.91 -14.71 19.41
N VAL C 160 27.32 -15.08 18.30
CA VAL C 160 27.35 -16.49 17.80
C VAL C 160 27.84 -16.34 16.41
N THR C 161 28.62 -17.32 15.91
CA THR C 161 28.99 -17.33 14.51
C THR C 161 28.37 -18.57 13.87
N VAL C 162 28.07 -18.50 12.58
CA VAL C 162 27.49 -19.61 11.89
C VAL C 162 28.26 -19.86 10.65
N SER C 163 28.56 -21.12 10.36
CA SER C 163 29.11 -21.46 9.01
C SER C 163 28.31 -22.59 8.41
N TRP C 164 28.49 -22.82 7.10
CA TRP C 164 27.84 -23.96 6.47
C TRP C 164 28.87 -24.97 5.99
N ASN C 165 28.63 -26.25 6.31
CA ASN C 165 29.55 -27.32 5.91
C ASN C 165 30.99 -26.98 6.30
N SER C 166 31.11 -26.54 7.54
CA SER C 166 32.41 -26.25 8.18
C SER C 166 33.19 -25.20 7.43
N GLY C 167 32.49 -24.30 6.77
CA GLY C 167 33.08 -23.14 6.12
C GLY C 167 33.24 -23.31 4.63
N ALA C 168 33.08 -24.52 4.14
CA ALA C 168 33.23 -24.78 2.69
C ALA C 168 32.17 -24.12 1.85
N LEU C 169 30.96 -23.99 2.40
CA LEU C 169 29.84 -23.41 1.60
C LEU C 169 29.62 -21.94 1.89
N THR C 170 29.98 -21.05 0.96
CA THR C 170 29.80 -19.64 1.23
C THR C 170 28.89 -18.91 0.22
N SER C 171 28.68 -19.51 -0.93
CA SER C 171 27.91 -18.80 -1.97
C SER C 171 26.43 -18.91 -1.65
N GLY C 172 25.77 -17.76 -1.59
CA GLY C 172 24.35 -17.71 -1.32
C GLY C 172 24.03 -17.79 0.16
N VAL C 173 25.06 -17.71 1.02
CA VAL C 173 24.86 -17.69 2.52
C VAL C 173 24.64 -16.24 3.04
N HIS C 174 23.63 -16.04 3.88
CA HIS C 174 23.43 -14.76 4.53
C HIS C 174 23.15 -15.11 6.00
N THR C 175 23.98 -14.57 6.88
CA THR C 175 23.76 -14.66 8.33
C THR C 175 23.36 -13.30 8.83
N PHE C 176 22.20 -13.25 9.46
CA PHE C 176 21.57 -12.00 9.89
C PHE C 176 22.00 -11.56 11.25
N PRO C 177 21.81 -10.26 11.57
CA PRO C 177 22.14 -9.77 12.91
C PRO C 177 21.19 -10.38 13.93
N ALA C 178 21.55 -10.41 15.18
CA ALA C 178 20.67 -10.90 16.25
C ALA C 178 19.55 -9.93 16.61
N VAL C 179 18.44 -10.45 17.16
CA VAL C 179 17.40 -9.66 17.74
C VAL C 179 17.38 -10.00 19.18
N LEU C 180 17.05 -9.03 20.01
CA LEU C 180 16.92 -9.24 21.47
C LEU C 180 15.45 -9.42 21.76
N GLN C 181 15.09 -10.59 22.27
CA GLN C 181 13.69 -10.84 22.64
C GLN C 181 13.29 -10.14 23.94
N SER C 182 11.98 -10.08 24.24
CA SER C 182 11.52 -9.41 25.43
C SER C 182 11.98 -10.20 26.64
N SER C 183 12.45 -11.42 26.42
CA SER C 183 13.00 -12.25 27.55
C SER C 183 14.45 -11.83 27.86
N GLY C 184 15.02 -11.00 27.01
CA GLY C 184 16.41 -10.59 27.21
C GLY C 184 17.40 -11.62 26.69
N LEU C 185 16.96 -12.53 25.84
CA LEU C 185 17.85 -13.46 25.12
C LEU C 185 17.87 -13.15 23.66
N TYR C 186 18.99 -13.47 23.02
CA TYR C 186 19.17 -13.19 21.53
C TYR C 186 18.71 -14.35 20.67
N SER C 187 18.37 -14.08 19.39
CA SER C 187 18.16 -15.13 18.43
C SER C 187 18.69 -14.54 17.09
N LEU C 188 19.21 -15.40 16.23
CA LEU C 188 19.54 -15.00 14.87
C LEU C 188 19.34 -16.16 13.93
N SER C 189 19.49 -15.96 12.61
CA SER C 189 19.27 -17.03 11.66
C SER C 189 20.31 -16.90 10.60
N SER C 190 20.52 -17.99 9.90
CA SER C 190 21.35 -17.99 8.69
C SER C 190 20.62 -18.77 7.66
N VAL C 191 20.78 -18.36 6.41
CA VAL C 191 20.09 -18.99 5.34
C VAL C 191 21.06 -19.18 4.17
N VAL C 192 20.81 -20.22 3.40
CA VAL C 192 21.60 -20.48 2.18
C VAL C 192 20.64 -20.85 1.05
N THR C 193 20.97 -20.41 -0.16
CA THR C 193 20.17 -20.75 -1.29
C THR C 193 20.98 -21.74 -2.12
N VAL C 194 20.36 -22.86 -2.42
CA VAL C 194 21.01 -24.00 -3.08
C VAL C 194 20.16 -24.55 -4.25
N PRO C 195 20.79 -25.25 -5.20
CA PRO C 195 19.96 -25.83 -6.26
C PRO C 195 18.93 -26.83 -5.73
N SER C 196 17.68 -26.72 -6.18
CA SER C 196 16.59 -27.65 -5.77
C SER C 196 16.93 -29.12 -6.02
N SER C 197 17.58 -29.38 -7.16
CA SER C 197 17.91 -30.76 -7.56
C SER C 197 18.92 -31.42 -6.60
N SER C 198 19.68 -30.60 -5.88
CA SER C 198 20.64 -31.08 -4.91
C SER C 198 19.97 -31.58 -3.61
N LEU C 199 18.74 -31.15 -3.33
CA LEU C 199 18.12 -31.34 -2.00
C LEU C 199 17.98 -32.78 -1.52
N GLY C 200 17.71 -33.72 -2.45
CA GLY C 200 17.65 -35.14 -2.13
C GLY C 200 19.01 -35.72 -1.71
N THR C 201 20.02 -35.39 -2.50
CA THR C 201 21.38 -35.90 -2.32
C THR C 201 22.19 -35.14 -1.25
N GLN C 202 22.52 -33.89 -1.56
CA GLN C 202 23.48 -33.04 -0.85
C GLN C 202 23.27 -32.93 0.65
N THR C 203 24.35 -32.83 1.41
CA THR C 203 24.15 -32.57 2.83
C THR C 203 24.48 -31.13 3.13
N TYR C 204 23.62 -30.48 3.91
CA TYR C 204 23.81 -29.10 4.36
C TYR C 204 23.78 -29.15 5.90
N ILE C 205 24.90 -28.75 6.49
CA ILE C 205 25.04 -28.74 7.97
C ILE C 205 25.42 -27.31 8.39
N CYS C 206 24.68 -26.74 9.34
CA CYS C 206 25.05 -25.44 9.90
C CYS C 206 25.83 -25.68 11.16
N ASN C 207 26.99 -25.03 11.21
CA ASN C 207 27.88 -25.10 12.38
C ASN C 207 27.75 -23.81 13.17
N VAL C 208 27.36 -23.95 14.44
CA VAL C 208 27.03 -22.80 15.23
C VAL C 208 28.01 -22.77 16.38
N ASN C 209 28.69 -21.66 16.55
CA ASN C 209 29.66 -21.56 17.64
C ASN C 209 29.27 -20.43 18.56
N HIS C 210 29.08 -20.74 19.87
CA HIS C 210 28.85 -19.71 20.83
C HIS C 210 29.98 -19.78 21.86
N LYS C 211 31.01 -18.99 21.65
CA LYS C 211 32.19 -18.99 22.50
C LYS C 211 31.89 -18.72 23.98
N PRO C 212 30.98 -17.75 24.31
CA PRO C 212 30.75 -17.46 25.73
C PRO C 212 30.30 -18.67 26.54
N SER C 213 29.55 -19.57 25.92
CA SER C 213 29.03 -20.75 26.63
C SER C 213 29.87 -22.00 26.34
N ASN C 214 30.94 -21.80 25.57
CA ASN C 214 31.80 -22.92 25.14
C ASN C 214 30.97 -24.03 24.48
N THR C 215 30.02 -23.63 23.65
CA THR C 215 29.15 -24.55 22.97
C THR C 215 29.37 -24.51 21.43
N LYS C 216 29.44 -25.68 20.82
CA LYS C 216 29.35 -25.75 19.33
C LYS C 216 28.26 -26.78 18.98
N VAL C 217 27.43 -26.48 17.98
CA VAL C 217 26.36 -27.38 17.60
C VAL C 217 26.44 -27.51 16.10
N ASP C 218 26.35 -28.74 15.61
CA ASP C 218 26.26 -28.96 14.14
C ASP C 218 24.89 -29.57 13.85
N LYS C 219 24.11 -28.92 13.00
CA LYS C 219 22.74 -29.38 12.71
C LYS C 219 22.60 -29.63 11.25
N ARG C 220 22.24 -30.86 10.88
CA ARG C 220 22.00 -31.10 9.45
C ARG C 220 20.57 -30.71 9.08
N VAL C 221 20.42 -29.98 7.97
CA VAL C 221 19.11 -29.45 7.61
C VAL C 221 18.63 -30.25 6.43
N GLU C 222 17.47 -30.89 6.57
CA GLU C 222 16.90 -31.74 5.46
C GLU C 222 15.52 -31.24 5.04
N PRO C 223 15.09 -31.58 3.81
CA PRO C 223 13.73 -31.26 3.39
C PRO C 223 12.75 -31.88 4.38
N LYS C 224 11.68 -31.18 4.71
CA LYS C 224 10.64 -31.74 5.60
C LYS C 224 11.22 -32.31 6.90
N VAL D 3 7.59 12.06 16.23
CA VAL D 3 6.43 11.35 15.63
C VAL D 3 5.31 12.36 15.36
N LEU D 4 5.49 13.25 14.37
CA LEU D 4 6.62 13.33 13.42
C LEU D 4 6.79 12.08 12.58
N THR D 5 6.06 12.11 11.47
CA THR D 5 6.03 11.04 10.50
C THR D 5 6.95 11.42 9.37
N GLN D 6 7.92 10.55 9.09
CA GLN D 6 8.83 10.70 7.97
C GLN D 6 8.69 9.46 7.12
N PRO D 7 8.94 9.58 5.80
CA PRO D 7 9.06 8.39 4.97
C PRO D 7 10.27 7.55 5.38
N PRO D 8 10.19 6.21 5.26
CA PRO D 8 11.32 5.32 5.65
C PRO D 8 12.50 5.47 4.70
N SER D 9 12.24 5.88 3.46
CA SER D 9 13.29 5.86 2.47
C SER D 9 13.12 7.04 1.48
N ALA D 10 14.24 7.55 1.04
CA ALA D 10 14.29 8.48 -0.07
C ALA D 10 15.54 8.17 -0.85
N SER D 11 15.54 8.47 -2.15
CA SER D 11 16.70 8.08 -2.92
C SER D 11 16.80 8.88 -4.18
N GLY D 12 18.02 9.04 -4.64
CA GLY D 12 18.17 9.68 -5.97
C GLY D 12 19.56 9.47 -6.48
N SER D 13 19.74 9.70 -7.79
CA SER D 13 21.04 9.58 -8.39
C SER D 13 21.82 10.83 -8.05
N PRO D 14 23.15 10.74 -8.12
CA PRO D 14 24.02 11.87 -7.83
C PRO D 14 23.66 13.06 -8.74
N GLY D 15 23.67 14.25 -8.18
CA GLY D 15 23.31 15.45 -8.92
C GLY D 15 21.84 15.82 -8.86
N GLN D 16 20.99 14.85 -8.48
CA GLN D 16 19.55 15.08 -8.43
C GLN D 16 19.21 15.71 -7.08
N SER D 17 17.92 16.03 -6.91
CA SER D 17 17.42 16.55 -5.62
C SER D 17 16.38 15.61 -5.07
N VAL D 18 16.26 15.59 -3.75
CA VAL D 18 15.31 14.77 -3.10
C VAL D 18 14.77 15.60 -1.95
N THR D 19 13.51 15.35 -1.58
CA THR D 19 12.89 16.02 -0.44
C THR D 19 12.32 15.00 0.55
N ILE D 20 12.58 15.25 1.82
CA ILE D 20 12.13 14.40 2.90
C ILE D 20 11.15 15.19 3.75
N SER D 21 9.92 14.70 3.85
CA SER D 21 8.90 15.39 4.63
C SER D 21 8.89 14.96 6.12
N CYS D 22 8.38 15.83 6.98
CA CYS D 22 8.26 15.56 8.44
C CYS D 22 6.90 16.10 8.90
N THR D 23 5.95 15.21 9.17
CA THR D 23 4.56 15.62 9.38
C THR D 23 4.20 15.59 10.87
N GLY D 24 3.81 16.75 11.37
CA GLY D 24 3.48 16.91 12.77
C GLY D 24 2.05 17.36 12.95
N THR D 25 1.83 18.10 14.03
CA THR D 25 0.52 18.69 14.36
C THR D 25 0.74 20.12 14.81
N SER D 26 -0.35 20.83 15.08
CA SER D 26 -0.27 22.21 15.56
C SER D 26 0.52 22.35 16.87
N SER D 27 0.62 21.24 17.61
CA SER D 27 1.30 21.19 18.90
C SER D 27 2.83 21.13 18.81
N ASP D 28 3.36 20.97 17.60
CA ASP D 28 4.81 20.91 17.38
C ASP D 28 5.22 21.62 16.09
N VAL D 29 5.33 20.88 14.99
CA VAL D 29 5.64 21.47 13.68
C VAL D 29 4.63 22.57 13.36
N GLY D 30 5.07 23.82 13.44
CA GLY D 30 4.20 24.99 13.13
C GLY D 30 2.71 24.95 13.48
N GLY D 31 2.34 24.92 14.76
CA GLY D 31 3.28 24.94 15.90
C GLY D 31 4.24 26.11 15.98
N TYR D 32 5.53 25.78 15.92
CA TYR D 32 6.60 26.73 16.14
C TYR D 32 7.55 26.80 14.95
N ASN D 33 8.53 27.68 15.04
CA ASN D 33 9.59 27.74 14.07
C ASN D 33 10.83 27.05 14.60
N TYR D 34 10.57 25.99 15.38
CA TYR D 34 11.60 25.24 16.07
C TYR D 34 11.87 23.84 15.49
N VAL D 35 11.66 23.69 14.18
CA VAL D 35 12.03 22.41 13.52
C VAL D 35 13.55 22.33 13.20
N SER D 36 14.18 21.20 13.51
CA SER D 36 15.57 20.99 13.15
C SER D 36 15.78 19.61 12.47
N TRP D 37 16.88 19.49 11.76
CA TRP D 37 17.20 18.32 11.02
C TRP D 37 18.59 17.86 11.36
N TYR D 38 18.73 16.52 11.42
CA TYR D 38 19.97 15.86 11.82
C TYR D 38 20.36 14.83 10.80
N GLN D 39 21.66 14.72 10.57
CA GLN D 39 22.25 13.71 9.66
C GLN D 39 23.01 12.75 10.50
N HIS D 40 22.77 11.46 10.29
CA HIS D 40 23.48 10.46 11.10
C HIS D 40 24.08 9.36 10.20
N HIS D 41 25.41 9.34 10.11
CA HIS D 41 26.12 8.21 9.55
C HIS D 41 26.33 7.17 10.64
N PRO D 42 25.96 5.90 10.38
CA PRO D 42 26.09 4.90 11.47
C PRO D 42 27.58 4.85 11.83
N GLY D 43 27.89 4.62 13.11
CA GLY D 43 29.18 5.03 13.63
C GLY D 43 28.98 6.44 14.16
N LYS D 44 29.42 7.41 13.36
CA LYS D 44 29.60 8.82 13.75
C LYS D 44 28.52 9.44 14.66
N ALA D 45 28.92 10.47 15.40
CA ALA D 45 27.96 11.34 16.07
C ALA D 45 27.01 11.94 15.06
N PRO D 46 25.72 11.95 15.39
CA PRO D 46 24.74 12.73 14.67
C PRO D 46 25.18 14.23 14.54
N LYS D 47 24.79 14.88 13.46
CA LYS D 47 25.22 16.25 13.17
C LYS D 47 24.02 17.11 12.89
N LEU D 48 23.95 18.31 13.50
CA LEU D 48 22.88 19.22 13.23
C LEU D 48 23.07 19.77 11.81
N ILE D 49 22.06 19.67 10.96
CA ILE D 49 22.21 20.28 9.62
C ILE D 49 21.26 21.46 9.39
N ILE D 50 20.14 21.50 10.11
CA ILE D 50 19.20 22.61 9.96
C ILE D 50 18.58 22.90 11.30
N SER D 51 18.39 24.19 11.63
CA SER D 51 17.65 24.52 12.85
C SER D 51 16.72 25.72 12.57
N GLU D 52 15.75 25.94 13.46
CA GLU D 52 14.72 26.99 13.26
C GLU D 52 14.23 27.01 11.83
N VAL D 53 14.04 25.77 11.34
CA VAL D 53 13.34 25.46 10.10
C VAL D 53 14.21 25.61 8.87
N ASN D 54 14.99 26.70 8.77
CA ASN D 54 15.65 27.01 7.48
C ASN D 54 17.11 27.45 7.58
N ASN D 55 17.65 27.41 8.79
CA ASN D 55 19.00 27.94 9.03
C ASN D 55 20.10 26.88 9.05
N ARG D 56 21.15 27.10 8.26
CA ARG D 56 22.27 26.17 8.13
C ARG D 56 23.37 26.64 9.09
N PRO D 57 23.77 25.80 10.07
CA PRO D 57 24.94 26.04 10.93
C PRO D 57 26.18 26.17 10.07
N SER D 58 27.26 26.71 10.65
CA SER D 58 28.48 26.95 9.87
C SER D 58 29.05 25.64 9.40
N GLY D 59 29.43 25.58 8.12
CA GLY D 59 30.08 24.39 7.56
C GLY D 59 29.15 23.31 7.04
N VAL D 60 27.84 23.57 7.11
CA VAL D 60 26.84 22.69 6.51
C VAL D 60 26.57 23.23 5.09
N PRO D 61 26.78 22.38 4.07
CA PRO D 61 26.70 22.75 2.65
C PRO D 61 25.33 23.36 2.31
N ASP D 62 25.29 24.30 1.36
CA ASP D 62 24.00 24.90 1.04
C ASP D 62 23.13 24.01 0.14
N ARG D 63 23.63 22.80 -0.14
CA ARG D 63 22.81 21.75 -0.77
C ARG D 63 21.69 21.28 0.17
N PHE D 64 21.85 21.50 1.47
CA PHE D 64 20.75 21.23 2.40
C PHE D 64 19.88 22.50 2.62
N SER D 65 18.57 22.39 2.40
CA SER D 65 17.60 23.48 2.56
C SER D 65 16.40 22.99 3.34
N GLY D 66 16.00 23.74 4.37
CA GLY D 66 14.77 23.41 5.13
C GLY D 66 13.65 24.39 4.82
N SER D 67 12.42 23.92 4.84
CA SER D 67 11.23 24.75 4.70
C SER D 67 10.11 24.13 5.50
N LYS D 68 8.95 24.77 5.52
CA LYS D 68 7.79 24.27 6.26
C LYS D 68 6.52 24.92 5.72
N SER D 69 5.42 24.19 5.74
CA SER D 69 4.14 24.74 5.27
C SER D 69 3.04 24.48 6.31
N GLY D 70 2.54 23.26 6.35
CA GLY D 70 1.41 23.03 7.22
C GLY D 70 1.90 22.65 8.60
N ASN D 71 1.42 21.50 9.03
CA ASN D 71 2.04 20.77 10.11
C ASN D 71 3.18 19.89 9.53
N THR D 72 3.61 20.21 8.31
CA THR D 72 4.65 19.49 7.57
C THR D 72 5.92 20.32 7.29
N ALA D 73 7.06 19.75 7.62
CA ALA D 73 8.37 20.34 7.38
C ALA D 73 9.10 19.56 6.30
N SER D 74 10.03 20.21 5.64
CA SER D 74 10.61 19.63 4.48
C SER D 74 12.11 19.86 4.49
N LEU D 75 12.87 18.81 4.27
CA LEU D 75 14.32 18.91 4.02
C LEU D 75 14.57 18.56 2.57
N THR D 76 15.09 19.49 1.80
CA THR D 76 15.43 19.21 0.40
C THR D 76 16.96 19.17 0.26
N VAL D 77 17.46 18.05 -0.26
CA VAL D 77 18.92 17.90 -0.50
C VAL D 77 19.10 17.96 -2.02
N SER D 78 19.82 18.96 -2.48
CA SER D 78 20.05 19.06 -3.93
C SER D 78 21.48 18.64 -4.28
N GLY D 79 21.79 18.55 -5.57
CA GLY D 79 23.14 18.18 -6.00
C GLY D 79 23.66 17.02 -5.18
N LEU D 80 22.85 15.96 -5.08
CA LEU D 80 23.19 14.80 -4.31
C LEU D 80 24.59 14.29 -4.60
N GLN D 81 25.32 14.07 -3.50
CA GLN D 81 26.67 13.56 -3.51
C GLN D 81 26.67 12.31 -2.68
N ALA D 82 27.54 11.36 -3.03
CA ALA D 82 27.54 10.09 -2.31
C ALA D 82 27.62 10.26 -0.79
N GLU D 83 28.37 11.24 -0.31
CA GLU D 83 28.51 11.43 1.17
C GLU D 83 27.19 11.76 1.86
N ASP D 84 26.18 12.15 1.08
CA ASP D 84 24.89 12.56 1.63
C ASP D 84 24.10 11.36 2.14
N GLU D 85 24.53 10.16 1.76
CA GLU D 85 23.83 8.96 2.09
C GLU D 85 23.98 8.70 3.61
N ALA D 86 22.84 8.59 4.29
CA ALA D 86 22.82 8.60 5.77
C ALA D 86 21.40 8.50 6.23
N GLU D 87 21.19 8.32 7.53
CA GLU D 87 19.85 8.45 8.12
C GLU D 87 19.56 9.93 8.53
N TYR D 88 18.40 10.46 8.17
CA TYR D 88 18.05 11.84 8.53
C TYR D 88 16.85 11.86 9.42
N TYR D 89 16.89 12.76 10.42
CA TYR D 89 15.82 12.85 11.42
C TYR D 89 15.35 14.27 11.52
N CYS D 90 14.03 14.47 11.60
CA CYS D 90 13.46 15.79 11.94
C CYS D 90 13.16 15.79 13.44
N SER D 91 13.21 16.98 14.02
CA SER D 91 12.87 17.18 15.41
C SER D 91 12.09 18.48 15.58
N SER D 92 11.23 18.52 16.59
CA SER D 92 10.56 19.78 16.90
C SER D 92 10.30 19.91 18.38
N TYR D 93 10.33 21.16 18.83
CA TYR D 93 9.77 21.54 20.12
C TYR D 93 8.27 21.30 20.05
N THR D 94 7.68 21.13 21.22
CA THR D 94 6.25 21.03 21.29
C THR D 94 5.75 21.99 22.39
N ASP D 95 4.46 22.34 22.33
CA ASP D 95 3.84 23.23 23.34
C ASP D 95 3.79 22.60 24.74
N ILE D 96 4.01 21.29 24.79
CA ILE D 96 4.09 20.52 26.02
C ILE D 96 5.50 20.68 26.67
N HIS D 97 6.29 21.61 26.15
CA HIS D 97 7.68 21.89 26.58
C HIS D 97 8.52 20.60 26.58
N ASN D 98 8.73 20.05 25.38
CA ASN D 98 9.30 18.73 25.22
C ASN D 98 9.84 18.67 23.78
N PHE D 99 10.66 17.66 23.48
CA PHE D 99 11.17 17.53 22.11
C PHE D 99 10.65 16.23 21.56
N VAL D 100 10.27 16.23 20.28
CA VAL D 100 9.88 14.98 19.67
C VAL D 100 10.64 14.82 18.37
N PHE D 101 10.82 13.56 17.98
CA PHE D 101 11.63 13.24 16.81
C PHE D 101 10.80 12.48 15.79
N GLY D 102 11.15 12.61 14.51
CA GLY D 102 10.64 11.67 13.53
C GLY D 102 11.30 10.31 13.66
N GLY D 103 10.78 9.34 12.91
CA GLY D 103 11.30 7.95 12.96
C GLY D 103 12.53 7.72 12.12
N GLY D 104 12.94 8.72 11.35
CA GLY D 104 14.14 8.60 10.52
C GLY D 104 13.84 8.22 9.08
N THR D 105 14.59 8.81 8.16
CA THR D 105 14.51 8.45 6.74
C THR D 105 15.93 8.08 6.26
N LYS D 106 16.09 6.90 5.66
CA LYS D 106 17.32 6.56 5.01
C LYS D 106 17.38 7.21 3.62
N LEU D 107 18.35 8.07 3.43
CA LEU D 107 18.56 8.66 2.08
C LEU D 107 19.65 7.87 1.43
N THR D 108 19.34 7.22 0.29
CA THR D 108 20.43 6.59 -0.44
C THR D 108 20.65 7.32 -1.79
N VAL D 109 21.92 7.47 -2.13
CA VAL D 109 22.33 8.06 -3.37
C VAL D 109 22.60 6.84 -4.24
N LEU D 110 21.75 6.64 -5.24
CA LEU D 110 21.70 5.41 -6.02
C LEU D 110 23.02 5.10 -6.69
N GLY D 111 23.58 3.94 -6.33
CA GLY D 111 24.83 3.49 -6.98
C GLY D 111 24.67 2.26 -7.83
N GLN D 112 23.45 1.74 -7.89
CA GLN D 112 23.12 0.54 -8.66
C GLN D 112 21.62 0.50 -8.84
N PRO D 113 21.13 -0.40 -9.68
CA PRO D 113 19.70 -0.30 -9.89
C PRO D 113 18.91 -0.80 -8.66
N LYS D 114 17.69 -0.31 -8.51
CA LYS D 114 16.78 -0.78 -7.47
C LYS D 114 16.55 -2.27 -7.63
N ALA D 115 16.40 -2.99 -6.51
CA ALA D 115 16.17 -4.40 -6.63
C ALA D 115 15.28 -4.80 -5.45
N ALA D 116 14.21 -5.54 -5.78
CA ALA D 116 13.18 -5.93 -4.88
C ALA D 116 13.71 -7.08 -4.00
N PRO D 117 13.18 -7.20 -2.78
CA PRO D 117 13.63 -8.24 -1.88
C PRO D 117 13.22 -9.66 -2.31
N SER D 118 14.08 -10.67 -2.05
CA SER D 118 13.63 -12.06 -2.14
C SER D 118 13.22 -12.36 -0.70
N VAL D 119 12.09 -13.00 -0.52
CA VAL D 119 11.59 -13.25 0.86
C VAL D 119 11.32 -14.70 1.04
N THR D 120 11.72 -15.28 2.18
CA THR D 120 11.33 -16.61 2.43
C THR D 120 10.79 -16.64 3.88
N LEU D 121 9.66 -17.28 4.05
CA LEU D 121 9.03 -17.38 5.38
C LEU D 121 9.09 -18.81 5.81
N PHE D 122 9.60 -19.07 7.04
CA PHE D 122 9.69 -20.44 7.49
C PHE D 122 8.77 -20.57 8.68
N PRO D 123 8.04 -21.67 8.77
CA PRO D 123 7.14 -22.01 9.87
C PRO D 123 8.00 -22.48 10.99
N PRO D 124 7.43 -22.60 12.18
CA PRO D 124 8.16 -23.21 13.31
C PRO D 124 8.53 -24.63 12.99
N SER D 125 9.75 -25.04 13.34
CA SER D 125 10.18 -26.41 13.01
C SER D 125 9.48 -27.36 13.97
N SER D 126 9.26 -28.60 13.54
CA SER D 126 8.66 -29.59 14.50
C SER D 126 9.45 -29.65 15.78
N GLU D 127 10.78 -29.57 15.63
CA GLU D 127 11.63 -29.71 16.83
C GLU D 127 11.44 -28.53 17.82
N GLU D 128 11.26 -27.35 17.26
CA GLU D 128 10.95 -26.18 18.15
C GLU D 128 9.62 -26.34 18.85
N LEU D 129 8.60 -26.76 18.13
CA LEU D 129 7.31 -27.04 18.77
C LEU D 129 7.43 -28.07 19.85
N GLN D 130 8.27 -29.07 19.61
CA GLN D 130 8.48 -30.11 20.69
C GLN D 130 9.16 -29.50 21.88
N ALA D 131 9.79 -28.34 21.66
CA ALA D 131 10.39 -27.61 22.78
C ALA D 131 9.36 -26.67 23.45
N ASN D 132 8.10 -26.78 23.03
CA ASN D 132 7.01 -25.92 23.53
C ASN D 132 7.23 -24.42 23.18
N LYS D 133 7.84 -24.13 22.03
CA LYS D 133 8.07 -22.78 21.60
C LYS D 133 7.71 -22.73 20.14
N ALA D 134 7.50 -21.54 19.61
CA ALA D 134 7.27 -21.39 18.15
C ALA D 134 7.76 -20.03 17.68
N THR D 135 8.38 -20.05 16.52
CA THR D 135 8.76 -18.78 15.86
C THR D 135 8.68 -18.88 14.40
N LEU D 136 8.09 -17.88 13.81
CA LEU D 136 8.04 -17.74 12.36
C LEU D 136 9.19 -16.91 11.99
N VAL D 137 9.85 -17.21 10.88
CA VAL D 137 11.07 -16.54 10.53
C VAL D 137 11.02 -16.08 9.10
N CYS D 138 11.12 -14.78 8.94
CA CYS D 138 10.97 -14.15 7.63
C CYS D 138 12.32 -13.56 7.25
N LEU D 139 12.93 -14.13 6.22
CA LEU D 139 14.26 -13.74 5.86
C LEU D 139 14.18 -13.04 4.50
N ILE D 140 14.89 -11.93 4.41
CA ILE D 140 14.74 -11.03 3.28
C ILE D 140 16.10 -10.66 2.75
N SER D 141 16.29 -10.74 1.42
CA SER D 141 17.62 -10.48 0.95
C SER D 141 17.62 -9.87 -0.45
N ASP D 142 18.79 -9.44 -0.86
CA ASP D 142 18.98 -8.93 -2.23
C ASP D 142 18.10 -7.74 -2.58
N PHE D 143 17.85 -6.85 -1.61
CA PHE D 143 17.14 -5.62 -1.89
C PHE D 143 18.01 -4.37 -1.89
N TYR D 144 17.62 -3.39 -2.71
CA TYR D 144 18.27 -2.10 -2.72
C TYR D 144 17.28 -1.03 -3.26
N PRO D 145 17.21 0.14 -2.62
CA PRO D 145 18.01 0.61 -1.46
C PRO D 145 17.73 -0.18 -0.21
N GLY D 146 18.57 0.05 0.79
CA GLY D 146 18.54 -0.76 2.00
C GLY D 146 17.51 -0.35 3.04
N ALA D 147 16.25 -0.22 2.61
CA ALA D 147 15.17 0.13 3.52
C ALA D 147 13.93 -0.73 3.26
N VAL D 148 13.37 -1.30 4.29
CA VAL D 148 12.15 -2.06 4.14
C VAL D 148 11.28 -1.93 5.40
N THR D 149 10.00 -2.22 5.26
CA THR D 149 9.14 -2.31 6.48
C THR D 149 8.43 -3.64 6.41
N VAL D 150 8.16 -4.24 7.58
CA VAL D 150 7.71 -5.59 7.58
C VAL D 150 6.46 -5.61 8.47
N ALA D 151 5.41 -6.30 8.01
CA ALA D 151 4.13 -6.39 8.76
C ALA D 151 3.75 -7.84 8.80
N TRP D 152 3.20 -8.30 9.93
CA TRP D 152 2.76 -9.68 9.99
C TRP D 152 1.21 -9.79 10.07
N LYS D 153 0.70 -10.93 9.61
CA LYS D 153 -0.75 -11.24 9.64
C LYS D 153 -0.95 -12.64 10.16
N ALA D 154 -1.96 -12.78 11.04
CA ALA D 154 -2.49 -14.08 11.41
C ALA D 154 -3.83 -14.21 10.67
N ASP D 155 -3.92 -15.19 9.76
CA ASP D 155 -4.96 -15.18 8.74
C ASP D 155 -4.94 -13.83 8.00
N SER D 156 -5.97 -13.00 8.18
CA SER D 156 -5.96 -11.66 7.61
C SER D 156 -5.80 -10.50 8.61
N SER D 157 -5.62 -10.81 9.88
CA SER D 157 -5.56 -9.80 10.94
C SER D 157 -4.11 -9.38 11.26
N PRO D 158 -3.87 -8.08 11.36
CA PRO D 158 -2.56 -7.56 11.73
C PRO D 158 -2.11 -8.06 13.10
N VAL D 159 -0.87 -8.54 13.15
CA VAL D 159 -0.20 -8.90 14.42
C VAL D 159 0.99 -7.98 14.70
N LYS D 160 1.14 -7.61 15.96
CA LYS D 160 2.19 -6.67 16.38
C LYS D 160 3.03 -7.22 17.54
N ALA D 161 2.37 -7.73 18.60
CA ALA D 161 3.05 -8.36 19.71
C ALA D 161 3.98 -9.55 19.28
N GLY D 162 5.17 -9.63 19.88
CA GLY D 162 6.12 -10.71 19.61
C GLY D 162 6.86 -10.57 18.28
N VAL D 163 6.76 -9.42 17.65
CA VAL D 163 7.51 -9.20 16.39
C VAL D 163 8.87 -8.57 16.76
N GLU D 164 9.94 -9.10 16.18
CA GLU D 164 11.25 -8.44 16.30
C GLU D 164 11.86 -8.37 14.91
N THR D 165 12.42 -7.23 14.54
CA THR D 165 12.86 -7.04 13.13
C THR D 165 14.22 -6.38 13.16
N THR D 166 15.11 -6.82 12.27
CA THR D 166 16.50 -6.35 12.31
C THR D 166 16.61 -5.23 11.33
N THR D 167 17.51 -4.28 11.59
CA THR D 167 17.80 -3.25 10.58
C THR D 167 18.57 -3.83 9.38
N PRO D 168 18.33 -3.31 8.17
CA PRO D 168 18.99 -3.86 7.06
C PRO D 168 20.52 -3.81 7.16
N SER D 169 21.14 -4.88 6.73
CA SER D 169 22.60 -5.00 6.76
C SER D 169 23.17 -5.30 5.39
N LYS D 170 24.23 -4.58 5.03
CA LYS D 170 24.81 -4.70 3.71
C LYS D 170 25.45 -6.09 3.41
N GLN D 171 25.14 -6.65 2.25
CA GLN D 171 25.67 -7.93 1.79
C GLN D 171 26.98 -7.68 1.03
N SER D 172 27.64 -8.75 0.60
CA SER D 172 28.90 -8.58 -0.11
C SER D 172 28.67 -7.98 -1.52
N ASN D 173 27.47 -8.16 -2.07
CA ASN D 173 27.14 -7.58 -3.38
C ASN D 173 26.63 -6.15 -3.24
N ASN D 174 26.67 -5.62 -2.01
CA ASN D 174 26.22 -4.25 -1.74
C ASN D 174 24.70 -4.06 -1.78
N LYS D 175 23.97 -5.13 -2.07
CA LYS D 175 22.53 -5.14 -1.77
C LYS D 175 22.38 -5.34 -0.26
N TYR D 176 21.14 -5.40 0.22
CA TYR D 176 20.91 -5.50 1.67
C TYR D 176 20.11 -6.70 2.08
N ALA D 177 20.21 -7.09 3.34
CA ALA D 177 19.39 -8.17 3.83
C ALA D 177 18.83 -7.78 5.21
N ALA D 178 17.72 -8.41 5.60
CA ALA D 178 17.10 -8.15 6.89
C ALA D 178 16.23 -9.32 7.26
N SER D 179 15.84 -9.37 8.53
CA SER D 179 15.10 -10.50 9.02
C SER D 179 14.04 -10.03 10.00
N SER D 180 12.93 -10.78 10.09
CA SER D 180 11.89 -10.47 11.02
C SER D 180 11.40 -11.78 11.63
N TYR D 181 10.97 -11.72 12.86
CA TYR D 181 10.54 -12.90 13.60
C TYR D 181 9.22 -12.63 14.21
N LEU D 182 8.35 -13.64 14.28
CA LEU D 182 7.16 -13.56 15.08
C LEU D 182 7.22 -14.68 16.04
N SER D 183 7.26 -14.33 17.31
CA SER D 183 7.35 -15.31 18.36
C SER D 183 5.93 -15.60 18.84
N LEU D 184 5.55 -16.90 18.87
CA LEU D 184 4.23 -17.34 19.32
C LEU D 184 4.28 -18.63 20.12
N THR D 185 3.12 -18.97 20.71
CA THR D 185 3.03 -20.26 21.37
C THR D 185 2.58 -21.29 20.33
N PRO D 186 2.91 -22.59 20.57
CA PRO D 186 2.45 -23.69 19.70
C PRO D 186 0.93 -23.69 19.48
N GLU D 187 0.18 -23.33 20.54
CA GLU D 187 -1.30 -23.27 20.49
C GLU D 187 -1.80 -22.27 19.45
N GLN D 188 -1.19 -21.09 19.42
CA GLN D 188 -1.55 -20.08 18.44
C GLN D 188 -1.18 -20.46 17.02
N TRP D 189 0.00 -21.05 16.85
CA TRP D 189 0.42 -21.50 15.52
C TRP D 189 -0.58 -22.54 15.00
N LYS D 190 -0.93 -23.47 15.85
CA LYS D 190 -1.77 -24.59 15.42
C LYS D 190 -3.22 -24.14 15.19
N SER D 191 -3.66 -23.08 15.88
CA SER D 191 -5.07 -22.67 15.85
C SER D 191 -5.49 -21.78 14.68
N HIS D 192 -4.53 -21.30 13.88
CA HIS D 192 -4.83 -20.43 12.72
C HIS D 192 -4.72 -21.16 11.41
N ARG D 193 -5.50 -20.72 10.44
CA ARG D 193 -5.39 -21.23 9.08
C ARG D 193 -4.01 -20.90 8.47
N SER D 194 -3.52 -19.70 8.68
CA SER D 194 -2.13 -19.38 8.28
C SER D 194 -1.59 -18.11 8.90
N TYR D 195 -0.28 -17.86 8.70
CA TYR D 195 0.36 -16.57 9.02
C TYR D 195 1.13 -16.04 7.80
N SER D 196 1.31 -14.74 7.75
CA SER D 196 1.98 -14.14 6.59
C SER D 196 2.96 -13.06 7.02
N CYS D 197 4.07 -12.97 6.26
CA CYS D 197 5.06 -11.94 6.40
C CYS D 197 4.86 -11.09 5.13
N GLN D 198 4.73 -9.76 5.32
CA GLN D 198 4.59 -8.81 4.21
C GLN D 198 5.68 -7.78 4.27
N VAL D 199 6.48 -7.70 3.22
CA VAL D 199 7.68 -6.91 3.24
C VAL D 199 7.51 -5.84 2.20
N THR D 200 7.57 -4.58 2.66
CA THR D 200 7.34 -3.47 1.75
C THR D 200 8.66 -2.80 1.45
N HIS D 201 8.92 -2.55 0.17
CA HIS D 201 10.14 -1.94 -0.26
C HIS D 201 9.79 -1.10 -1.51
N GLU D 202 10.09 0.21 -1.44
CA GLU D 202 9.80 1.14 -2.58
C GLU D 202 8.33 1.07 -3.04
N GLY D 203 7.41 0.93 -2.09
CA GLY D 203 5.98 0.88 -2.47
C GLY D 203 5.47 -0.44 -3.03
N SER D 204 6.33 -1.45 -3.20
CA SER D 204 5.85 -2.81 -3.55
C SER D 204 5.90 -3.73 -2.33
N THR D 205 4.93 -4.61 -2.18
CA THR D 205 4.90 -5.48 -1.00
C THR D 205 4.95 -6.95 -1.40
N VAL D 206 6.04 -7.62 -1.04
CA VAL D 206 6.19 -9.05 -1.30
C VAL D 206 5.62 -9.79 -0.10
N GLU D 207 4.71 -10.74 -0.32
CA GLU D 207 4.10 -11.48 0.81
C GLU D 207 4.39 -13.01 0.73
N LYS D 208 4.64 -13.65 1.88
CA LYS D 208 4.76 -15.07 1.87
C LYS D 208 3.90 -15.55 3.03
N THR D 209 3.36 -16.76 2.90
CA THR D 209 2.37 -17.28 3.85
C THR D 209 2.72 -18.71 4.14
N VAL D 210 2.51 -19.15 5.37
CA VAL D 210 2.72 -20.51 5.72
C VAL D 210 1.58 -20.96 6.63
N ALA D 211 1.35 -22.28 6.67
CA ALA D 211 0.23 -22.86 7.43
C ALA D 211 0.65 -24.13 8.19
N PRO D 212 0.02 -24.40 9.33
CA PRO D 212 0.33 -25.55 10.19
C PRO D 212 0.00 -26.91 9.55
C ACT E . -24.15 -30.54 -7.84
O ACT E . -25.17 -30.30 -8.55
OXT ACT E . -24.24 -30.17 -6.63
CH3 ACT E . -22.93 -31.24 -8.39
CL CL F . -10.81 15.05 5.86
CL CL G . -5.19 -19.63 2.91
CL CL H . 27.36 1.53 28.27
#